data_1LQU
#
_entry.id   1LQU
#
_cell.length_a   69.507
_cell.length_b   89.466
_cell.length_c   161.658
_cell.angle_alpha   90.00
_cell.angle_beta   90.00
_cell.angle_gamma   90.00
#
_symmetry.space_group_name_H-M   'P 21 21 21'
#
loop_
_entity.id
_entity.type
_entity.pdbx_description
1 polymer FprA
2 non-polymer 'ACETATE ION'
3 non-polymer 'FLAVIN-ADENINE DINUCLEOTIDE'
4 non-polymer 'NADPH DIHYDRO-NICOTINAMIDE-ADENINE-DINUCLEOTIDE PHOSPHATE'
5 water water
#
_entity_poly.entity_id   1
_entity_poly.type   'polypeptide(L)'
_entity_poly.pdbx_seq_one_letter_code
;MRPYYIAIVGSGPSAFFAAASLLKAADTTEDLDMAVDMLEMLPTPWGLVRSGVAPDHPKIKSISKQFEKTAEDPRFRFFG
NVVVGEHVQPGELSERYDAVIYAVGAQSDRMLNIPGEDLPGSIAAVDFVGWYNAHPHFEQVSPDLSGARAVVIGNGNVAL
DVARILLTDPDVLARTDIADHALESLRPRGIQEVVIVGRRGPLQAAFTTLELRELADLDGVDVVIDPAELDGITDEDAAA
VGKVCKQNIKVLRGYADREPRPGHRRMVFRFLTSPIEIKGKRKVERIVLGRNELVSDGSGRVAAKDTGEREELPAQLVVR
SVGYRGVPTPGLPFDDQSGTIPNVGGRINGSPNEYVVGWIKRGPTGVIGTNKKDAQDTVDTLIKNLGNAKEGAECKSFPE
DHADQVADWLAARQPKLVTSAHWQVIDAFERAAGEPHGRPRVKLASLAELLRIGLG
;
_entity_poly.pdbx_strand_id   A,B
#
loop_
_chem_comp.id
_chem_comp.type
_chem_comp.name
_chem_comp.formula
ACT non-polymer 'ACETATE ION' 'C2 H3 O2 -1'
FAD non-polymer 'FLAVIN-ADENINE DINUCLEOTIDE' 'C27 H33 N9 O15 P2'
NDP non-polymer 'NADPH DIHYDRO-NICOTINAMIDE-ADENINE-DINUCLEOTIDE PHOSPHATE' 'C21 H30 N7 O17 P3'
#
# COMPACT_ATOMS: atom_id res chain seq x y z
N ARG A 2 -16.72 -26.14 -11.58
CA ARG A 2 -15.48 -26.37 -10.79
C ARG A 2 -15.31 -25.33 -9.72
N PRO A 3 -14.57 -25.67 -8.70
CA PRO A 3 -14.19 -24.66 -7.71
C PRO A 3 -13.09 -23.81 -8.30
N TYR A 4 -12.87 -22.63 -7.71
CA TYR A 4 -11.63 -21.91 -7.93
C TYR A 4 -10.53 -22.68 -7.17
N TYR A 5 -9.34 -22.70 -7.76
CA TYR A 5 -8.18 -23.35 -7.18
C TYR A 5 -7.22 -22.25 -6.73
N ILE A 6 -6.93 -22.21 -5.44
CA ILE A 6 -6.08 -21.19 -4.87
C ILE A 6 -4.89 -21.88 -4.25
N ALA A 7 -3.69 -21.41 -4.60
CA ALA A 7 -2.47 -21.85 -3.93
C ALA A 7 -2.08 -20.80 -2.90
N ILE A 8 -1.67 -21.27 -1.72
CA ILE A 8 -1.12 -20.40 -0.70
C ILE A 8 0.29 -20.87 -0.41
N VAL A 9 1.24 -19.95 -0.49
CA VAL A 9 2.64 -20.26 -0.31
C VAL A 9 3.02 -19.80 1.08
N GLY A 10 3.30 -20.78 1.93
CA GLY A 10 3.54 -20.58 3.33
C GLY A 10 2.36 -21.11 4.14
N SER A 11 2.62 -21.38 5.42
CA SER A 11 1.64 -22.02 6.31
C SER A 11 1.63 -21.44 7.72
N GLY A 12 2.03 -20.19 7.84
CA GLY A 12 1.94 -19.45 9.07
C GLY A 12 0.57 -18.85 9.27
N PRO A 13 0.44 -17.97 10.25
CA PRO A 13 -0.84 -17.36 10.53
C PRO A 13 -1.49 -16.69 9.34
N SER A 14 -0.76 -15.87 8.59
CA SER A 14 -1.40 -15.16 7.51
C SER A 14 -1.94 -16.12 6.46
N ALA A 15 -1.21 -17.19 6.19
CA ALA A 15 -1.67 -18.23 5.27
C ALA A 15 -2.97 -18.88 5.76
N PHE A 16 -2.99 -19.25 7.03
CA PHE A 16 -4.16 -19.90 7.59
C PHE A 16 -5.36 -19.00 7.72
N PHE A 17 -5.13 -17.73 8.02
CA PHE A 17 -6.24 -16.80 8.03
C PHE A 17 -6.78 -16.60 6.62
N ALA A 18 -5.89 -16.51 5.65
CA ALA A 18 -6.32 -16.41 4.24
C ALA A 18 -7.12 -17.65 3.84
N ALA A 19 -6.64 -18.83 4.20
CA ALA A 19 -7.36 -20.05 3.86
C ALA A 19 -8.75 -20.04 4.43
N ALA A 20 -8.85 -19.68 5.71
CA ALA A 20 -10.15 -19.63 6.34
C ALA A 20 -11.07 -18.64 5.65
N SER A 21 -10.53 -17.48 5.28
CA SER A 21 -11.34 -16.48 4.61
C SER A 21 -11.86 -16.96 3.26
N LEU A 22 -11.02 -17.67 2.53
CA LEU A 22 -11.42 -18.21 1.25
C LEU A 22 -12.55 -19.22 1.41
N LEU A 23 -12.39 -20.13 2.36
CA LEU A 23 -13.39 -21.16 2.58
C LEU A 23 -14.70 -20.57 3.10
N LYS A 24 -14.61 -19.54 3.93
CA LYS A 24 -15.79 -18.87 4.46
C LYS A 24 -16.55 -18.19 3.32
N ALA A 25 -15.84 -17.55 2.40
CA ALA A 25 -16.50 -16.93 1.24
C ALA A 25 -17.30 -17.99 0.47
N ALA A 26 -16.71 -19.13 0.22
CA ALA A 26 -17.42 -20.20 -0.48
C ALA A 26 -18.65 -20.66 0.32
N ASP A 27 -18.47 -20.80 1.62
CA ASP A 27 -19.53 -21.31 2.47
C ASP A 27 -20.72 -20.37 2.55
N THR A 28 -20.51 -19.09 2.30
CA THR A 28 -21.57 -18.11 2.47
C THR A 28 -22.02 -17.48 1.16
N THR A 29 -21.57 -18.00 0.03
CA THR A 29 -21.89 -17.41 -1.26
C THR A 29 -22.31 -18.44 -2.26
N GLU A 30 -23.47 -18.25 -2.87
CA GLU A 30 -23.92 -19.13 -3.93
C GLU A 30 -23.05 -19.02 -5.16
N ASP A 31 -22.89 -20.13 -5.86
CA ASP A 31 -22.11 -20.20 -7.09
C ASP A 31 -20.67 -19.76 -6.88
N LEU A 32 -20.11 -20.15 -5.75
CA LEU A 32 -18.72 -19.90 -5.43
C LEU A 32 -18.20 -21.04 -4.59
N ASP A 33 -17.29 -21.77 -5.17
CA ASP A 33 -16.66 -22.91 -4.51
C ASP A 33 -15.14 -22.70 -4.55
N MET A 34 -14.47 -23.30 -3.58
CA MET A 34 -13.05 -23.09 -3.38
C MET A 34 -12.33 -24.36 -3.08
N ALA A 35 -11.10 -24.44 -3.58
CA ALA A 35 -10.17 -25.49 -3.21
C ALA A 35 -8.86 -24.76 -2.91
N VAL A 36 -8.23 -25.12 -1.79
CA VAL A 36 -7.01 -24.47 -1.34
C VAL A 36 -5.90 -25.46 -1.16
N ASP A 37 -4.77 -25.20 -1.83
CA ASP A 37 -3.55 -25.98 -1.67
C ASP A 37 -2.52 -25.07 -1.02
N MET A 38 -1.98 -25.53 0.10
CA MET A 38 -0.99 -24.79 0.86
C MET A 38 0.36 -25.46 0.67
N LEU A 39 1.34 -24.70 0.17
CA LEU A 39 2.69 -25.17 -0.11
C LEU A 39 3.61 -24.56 0.90
N GLU A 40 4.35 -25.38 1.62
CA GLU A 40 5.18 -24.91 2.71
C GLU A 40 6.58 -25.43 2.57
N MET A 41 7.56 -24.54 2.76
CA MET A 41 8.96 -24.88 2.65
C MET A 41 9.44 -25.94 3.61
N LEU A 42 8.99 -25.86 4.85
CA LEU A 42 9.38 -26.82 5.87
C LEU A 42 8.46 -28.04 5.83
N PRO A 43 8.87 -29.14 6.44
CA PRO A 43 7.97 -30.28 6.58
C PRO A 43 6.78 -30.01 7.52
N THR A 44 6.89 -28.97 8.33
CA THR A 44 5.93 -28.68 9.39
C THR A 44 5.24 -27.36 9.13
N PRO A 45 3.95 -27.29 9.42
CA PRO A 45 3.19 -26.05 9.26
C PRO A 45 3.36 -25.13 10.45
N TRP A 46 2.74 -23.96 10.30
CA TRP A 46 2.45 -22.97 11.35
C TRP A 46 3.41 -21.80 11.43
N GLY A 47 4.46 -21.84 10.63
CA GLY A 47 5.37 -20.72 10.57
C GLY A 47 5.92 -20.34 11.93
N LEU A 48 5.93 -19.05 12.20
CA LEU A 48 6.49 -18.58 13.45
C LEU A 48 5.68 -18.99 14.68
N VAL A 49 4.44 -19.45 14.52
CA VAL A 49 3.75 -19.98 15.69
C VAL A 49 4.57 -21.15 16.24
N ARG A 50 5.13 -21.98 15.37
CA ARG A 50 6.02 -23.04 15.78
C ARG A 50 7.45 -22.57 16.02
N SER A 51 8.02 -21.82 15.08
CA SER A 51 9.45 -21.58 15.11
C SER A 51 9.90 -20.25 15.71
N GLY A 52 8.95 -19.39 16.01
CA GLY A 52 9.21 -18.05 16.50
C GLY A 52 8.80 -17.86 17.95
N VAL A 53 7.52 -18.08 18.22
CA VAL A 53 7.01 -17.92 19.58
C VAL A 53 7.91 -18.67 20.55
N ALA A 54 8.25 -18.02 21.65
CA ALA A 54 9.23 -18.57 22.55
C ALA A 54 8.73 -19.84 23.22
N PRO A 55 9.65 -20.74 23.54
CA PRO A 55 9.25 -22.03 24.14
C PRO A 55 8.64 -21.89 25.53
N ASP A 56 8.90 -20.77 26.19
CA ASP A 56 8.26 -20.51 27.47
C ASP A 56 6.88 -19.88 27.36
N HIS A 57 6.36 -19.80 26.13
N HIS A 57 6.34 -19.84 26.13
CA HIS A 57 5.03 -19.28 25.85
CA HIS A 57 4.99 -19.33 25.91
C HIS A 57 4.10 -20.27 25.13
C HIS A 57 4.11 -20.27 25.12
N PRO A 58 3.91 -21.46 25.67
CA PRO A 58 3.05 -22.43 24.99
C PRO A 58 1.62 -21.96 24.76
N LYS A 59 1.06 -21.16 25.66
CA LYS A 59 -0.31 -20.74 25.51
C LYS A 59 -0.58 -19.99 24.23
N ILE A 60 0.38 -19.15 23.83
CA ILE A 60 0.30 -18.37 22.64
C ILE A 60 0.20 -19.30 21.40
N LYS A 61 0.85 -20.44 21.47
CA LYS A 61 0.89 -21.36 20.32
C LYS A 61 -0.41 -22.11 20.12
N SER A 62 -1.31 -22.04 21.08
CA SER A 62 -2.55 -22.78 20.99
C SER A 62 -3.44 -22.35 19.82
N ILE A 63 -3.15 -21.21 19.20
CA ILE A 63 -3.87 -20.80 18.01
CA ILE A 63 -3.89 -20.82 18.02
C ILE A 63 -3.71 -21.88 16.93
N SER A 64 -2.68 -22.70 17.02
CA SER A 64 -2.51 -23.78 16.04
C SER A 64 -3.74 -24.68 15.96
N LYS A 65 -4.52 -24.79 17.03
CA LYS A 65 -5.73 -25.61 16.98
C LYS A 65 -6.70 -25.09 15.94
N GLN A 66 -6.78 -23.76 15.80
CA GLN A 66 -7.62 -23.18 14.75
C GLN A 66 -7.13 -23.55 13.39
N PHE A 67 -5.82 -23.52 13.21
CA PHE A 67 -5.23 -23.87 11.94
C PHE A 67 -5.53 -25.34 11.60
N GLU A 68 -5.49 -26.19 12.61
CA GLU A 68 -5.80 -27.61 12.43
C GLU A 68 -7.24 -27.81 12.00
N LYS A 69 -8.14 -27.04 12.60
CA LYS A 69 -9.54 -27.13 12.23
C LYS A 69 -9.72 -26.72 10.76
N THR A 70 -9.06 -25.65 10.32
CA THR A 70 -9.13 -25.27 8.92
C THR A 70 -8.60 -26.39 8.03
N ALA A 71 -7.48 -26.98 8.42
CA ALA A 71 -6.86 -28.01 7.61
C ALA A 71 -7.69 -29.28 7.51
N GLU A 72 -8.63 -29.46 8.43
CA GLU A 72 -9.51 -30.63 8.35
C GLU A 72 -10.49 -30.55 7.18
N ASP A 73 -10.67 -29.36 6.64
CA ASP A 73 -11.65 -29.20 5.56
C ASP A 73 -11.24 -30.02 4.37
N PRO A 74 -12.15 -30.79 3.77
CA PRO A 74 -11.76 -31.59 2.61
C PRO A 74 -11.33 -30.79 1.38
N ARG A 75 -11.63 -29.51 1.36
CA ARG A 75 -11.23 -28.65 0.27
C ARG A 75 -9.76 -28.17 0.40
N PHE A 76 -9.14 -28.46 1.52
CA PHE A 76 -7.82 -28.01 1.85
C PHE A 76 -6.81 -29.14 1.75
N ARG A 77 -5.65 -28.85 1.15
CA ARG A 77 -4.53 -29.78 1.10
C ARG A 77 -3.25 -29.04 1.52
N PHE A 78 -2.36 -29.75 2.18
CA PHE A 78 -1.05 -29.28 2.58
C PHE A 78 0.05 -30.06 1.90
N PHE A 79 1.05 -29.35 1.39
CA PHE A 79 2.21 -29.95 0.77
C PHE A 79 3.44 -29.28 1.36
N GLY A 80 4.03 -29.94 2.34
CA GLY A 80 5.22 -29.48 3.00
C GLY A 80 6.48 -29.94 2.30
N ASN A 81 7.60 -29.35 2.68
CA ASN A 81 8.89 -29.56 2.05
C ASN A 81 8.89 -29.17 0.60
N VAL A 82 8.09 -28.17 0.24
CA VAL A 82 8.02 -27.64 -1.13
C VAL A 82 8.47 -26.19 -1.05
N VAL A 83 9.60 -25.88 -1.66
CA VAL A 83 10.18 -24.56 -1.57
C VAL A 83 9.86 -23.80 -2.84
N VAL A 84 8.99 -22.81 -2.76
CA VAL A 84 8.62 -22.05 -3.94
C VAL A 84 9.81 -21.15 -4.25
N GLY A 85 10.23 -21.21 -5.50
CA GLY A 85 11.45 -20.61 -5.99
C GLY A 85 12.53 -21.67 -6.23
N GLU A 86 12.34 -22.88 -5.71
CA GLU A 86 13.28 -23.96 -5.87
C GLU A 86 12.60 -25.13 -6.60
N HIS A 87 11.65 -25.79 -5.97
CA HIS A 87 10.98 -26.94 -6.58
C HIS A 87 9.97 -26.56 -7.63
N VAL A 88 9.26 -25.47 -7.37
CA VAL A 88 8.28 -24.90 -8.28
C VAL A 88 8.45 -23.41 -8.28
N GLN A 89 8.10 -22.76 -9.37
CA GLN A 89 8.27 -21.33 -9.52
C GLN A 89 6.95 -20.57 -9.50
N PRO A 90 6.98 -19.31 -9.11
CA PRO A 90 5.76 -18.51 -9.18
C PRO A 90 5.05 -18.56 -10.51
N GLY A 91 5.79 -18.47 -11.62
CA GLY A 91 5.17 -18.48 -12.93
C GLY A 91 4.49 -19.77 -13.29
N GLU A 92 4.90 -20.84 -12.64
CA GLU A 92 4.27 -22.16 -12.80
C GLU A 92 3.00 -22.24 -11.97
N LEU A 93 3.05 -21.73 -10.75
CA LEU A 93 1.86 -21.72 -9.92
C LEU A 93 0.78 -20.86 -10.51
N SER A 94 1.18 -19.73 -11.09
CA SER A 94 0.20 -18.81 -11.62
C SER A 94 -0.54 -19.42 -12.83
N GLU A 95 0.06 -20.40 -13.51
CA GLU A 95 -0.57 -21.12 -14.65
C GLU A 95 -1.51 -22.22 -14.16
N ARG A 96 -1.25 -22.79 -12.99
CA ARG A 96 -1.97 -23.93 -12.48
C ARG A 96 -3.07 -23.64 -11.48
N TYR A 97 -3.15 -22.40 -11.03
CA TYR A 97 -4.14 -21.98 -10.06
C TYR A 97 -4.82 -20.71 -10.54
N ASP A 98 -6.06 -20.51 -10.10
CA ASP A 98 -6.76 -19.29 -10.40
C ASP A 98 -6.10 -18.08 -9.77
N ALA A 99 -5.58 -18.26 -8.56
CA ALA A 99 -4.86 -17.21 -7.84
C ALA A 99 -3.89 -17.85 -6.89
N VAL A 100 -2.83 -17.10 -6.58
CA VAL A 100 -1.78 -17.55 -5.68
C VAL A 100 -1.56 -16.48 -4.64
N ILE A 101 -1.54 -16.90 -3.37
CA ILE A 101 -1.30 -15.99 -2.25
C ILE A 101 0.05 -16.31 -1.63
N TYR A 102 0.95 -15.33 -1.64
CA TYR A 102 2.25 -15.46 -1.00
C TYR A 102 2.16 -14.99 0.44
N ALA A 103 2.45 -15.92 1.34
CA ALA A 103 2.37 -15.74 2.79
C ALA A 103 3.68 -16.20 3.43
N VAL A 104 4.77 -15.74 2.85
CA VAL A 104 6.09 -16.28 3.13
C VAL A 104 6.79 -15.65 4.32
N GLY A 105 6.20 -14.64 4.90
CA GLY A 105 6.79 -14.02 6.07
C GLY A 105 8.11 -13.36 5.71
N ALA A 106 8.92 -13.19 6.76
CA ALA A 106 10.21 -12.51 6.72
C ALA A 106 11.24 -13.52 7.17
N GLN A 107 11.95 -14.13 6.23
CA GLN A 107 12.81 -15.26 6.54
C GLN A 107 14.25 -14.93 6.91
N SER A 108 14.63 -13.67 6.80
CA SER A 108 15.98 -13.27 7.14
C SER A 108 15.96 -12.14 8.18
N ASP A 109 17.11 -11.50 8.35
CA ASP A 109 17.31 -10.50 9.41
C ASP A 109 17.78 -9.18 8.88
N ARG A 110 17.45 -8.12 9.58
CA ARG A 110 18.07 -6.84 9.39
C ARG A 110 19.44 -6.82 10.05
N MET A 111 20.38 -6.20 9.37
CA MET A 111 21.75 -6.02 9.83
C MET A 111 21.96 -4.65 10.43
N LEU A 112 22.98 -4.59 11.28
CA LEU A 112 23.44 -3.33 11.88
C LEU A 112 24.32 -2.52 10.92
N ASN A 113 25.03 -3.21 10.04
CA ASN A 113 25.98 -2.59 9.14
C ASN A 113 27.06 -1.83 9.91
N ILE A 114 27.74 -2.56 10.77
CA ILE A 114 28.86 -2.01 11.53
C ILE A 114 30.04 -2.96 11.43
N PRO A 115 31.25 -2.45 11.63
CA PRO A 115 32.41 -3.31 11.59
C PRO A 115 32.36 -4.39 12.68
N GLY A 116 32.79 -5.59 12.34
CA GLY A 116 32.82 -6.73 13.23
C GLY A 116 31.54 -7.50 13.34
N GLU A 117 30.49 -7.07 12.64
CA GLU A 117 29.23 -7.75 12.70
C GLU A 117 29.26 -9.21 12.25
N ASP A 118 30.26 -9.54 11.45
CA ASP A 118 30.46 -10.86 10.92
C ASP A 118 31.31 -11.78 11.80
N LEU A 119 31.81 -11.28 12.92
CA LEU A 119 32.63 -12.13 13.77
C LEU A 119 31.83 -13.26 14.37
N PRO A 120 32.44 -14.44 14.54
CA PRO A 120 31.81 -15.49 15.30
C PRO A 120 31.40 -14.93 16.67
N GLY A 121 30.19 -15.23 17.08
CA GLY A 121 29.64 -14.66 18.29
C GLY A 121 28.71 -13.48 18.07
N SER A 122 28.65 -12.98 16.84
CA SER A 122 27.73 -11.91 16.46
C SER A 122 26.70 -12.51 15.51
N ILE A 123 25.46 -12.59 15.97
CA ILE A 123 24.40 -13.24 15.24
C ILE A 123 23.12 -12.42 15.30
N ALA A 124 22.15 -12.75 14.48
CA ALA A 124 20.84 -12.12 14.54
C ALA A 124 19.93 -12.93 15.42
N ALA A 125 18.93 -12.25 15.94
CA ALA A 125 17.88 -12.95 16.67
C ALA A 125 17.16 -13.96 15.78
N VAL A 126 17.02 -13.65 14.49
CA VAL A 126 16.41 -14.63 13.58
C VAL A 126 17.14 -15.98 13.71
N ASP A 127 18.46 -15.93 13.71
N ASP A 127 18.46 -15.91 13.71
CA ASP A 127 19.23 -17.16 13.77
CA ASP A 127 19.33 -17.08 13.83
C ASP A 127 19.24 -17.77 15.18
C ASP A 127 19.17 -17.77 15.18
N PHE A 128 19.28 -16.96 16.22
CA PHE A 128 19.25 -17.48 17.58
C PHE A 128 17.93 -18.15 17.91
N VAL A 129 16.83 -17.46 17.59
CA VAL A 129 15.50 -17.96 17.78
C VAL A 129 15.26 -19.21 16.96
N GLY A 130 15.64 -19.16 15.69
CA GLY A 130 15.48 -20.35 14.91
C GLY A 130 16.21 -21.53 15.51
N TRP A 131 17.41 -21.28 15.98
CA TRP A 131 18.19 -22.32 16.61
C TRP A 131 17.52 -22.87 17.88
N TYR A 132 17.09 -22.00 18.79
CA TYR A 132 16.51 -22.51 20.00
C TYR A 132 15.13 -23.08 19.82
N ASN A 133 14.45 -22.75 18.72
CA ASN A 133 13.16 -23.34 18.40
C ASN A 133 13.24 -24.50 17.39
N ALA A 134 14.44 -25.00 17.14
CA ALA A 134 14.61 -26.18 16.30
C ALA A 134 14.14 -26.03 14.87
N HIS A 135 14.24 -24.82 14.35
CA HIS A 135 13.99 -24.59 12.93
C HIS A 135 15.13 -25.26 12.16
N PRO A 136 14.82 -26.11 11.19
CA PRO A 136 15.89 -26.87 10.55
C PRO A 136 16.93 -26.04 9.81
N HIS A 137 16.61 -24.83 9.40
CA HIS A 137 17.58 -24.01 8.70
C HIS A 137 18.62 -23.39 9.63
N PHE A 138 18.43 -23.56 10.94
CA PHE A 138 19.27 -22.90 11.93
C PHE A 138 19.89 -23.89 12.89
N GLU A 139 19.90 -25.18 12.52
CA GLU A 139 20.37 -26.20 13.42
C GLU A 139 21.84 -26.02 13.81
N GLN A 140 22.62 -25.45 12.90
CA GLN A 140 24.06 -25.30 13.11
C GLN A 140 24.51 -23.93 13.56
N VAL A 141 23.59 -23.07 14.01
CA VAL A 141 23.98 -21.74 14.49
C VAL A 141 24.92 -21.92 15.68
N SER A 142 24.53 -22.78 16.60
CA SER A 142 25.41 -23.29 17.66
C SER A 142 26.28 -22.22 18.30
N PRO A 143 25.65 -21.22 18.90
CA PRO A 143 26.42 -20.14 19.51
C PRO A 143 27.10 -20.60 20.79
N ASP A 144 28.24 -19.99 21.10
CA ASP A 144 28.93 -20.24 22.33
C ASP A 144 28.26 -19.40 23.40
N LEU A 145 27.63 -20.09 24.34
CA LEU A 145 26.88 -19.45 25.41
C LEU A 145 27.62 -19.55 26.74
N SER A 146 28.92 -19.71 26.69
CA SER A 146 29.69 -19.91 27.91
C SER A 146 30.20 -18.64 28.55
N GLY A 147 30.22 -17.52 27.82
CA GLY A 147 30.80 -16.27 28.32
C GLY A 147 29.86 -15.53 29.22
N ALA A 148 30.41 -14.73 30.13
CA ALA A 148 29.61 -14.10 31.14
C ALA A 148 28.64 -13.04 30.66
N ARG A 149 28.95 -12.33 29.59
CA ARG A 149 28.08 -11.24 29.17
C ARG A 149 27.63 -11.39 27.72
N ALA A 150 26.33 -11.24 27.54
CA ALA A 150 25.74 -11.18 26.21
C ALA A 150 25.12 -9.79 26.03
N VAL A 151 25.16 -9.30 24.81
CA VAL A 151 24.56 -8.02 24.46
C VAL A 151 23.51 -8.26 23.40
N VAL A 152 22.33 -7.72 23.63
CA VAL A 152 21.23 -7.81 22.69
C VAL A 152 20.90 -6.40 22.22
N ILE A 153 20.95 -6.18 20.91
CA ILE A 153 20.65 -4.88 20.34
C ILE A 153 19.18 -4.85 19.92
N GLY A 154 18.47 -3.83 20.34
CA GLY A 154 17.10 -3.65 19.97
C GLY A 154 16.14 -3.52 21.12
N ASN A 155 14.99 -2.92 20.87
CA ASN A 155 13.96 -2.66 21.89
C ASN A 155 12.57 -3.10 21.45
N GLY A 156 12.51 -4.26 20.76
CA GLY A 156 11.28 -4.94 20.48
C GLY A 156 11.13 -6.18 21.33
N ASN A 157 9.95 -6.79 21.23
CA ASN A 157 9.69 -7.96 22.03
C ASN A 157 10.58 -9.15 21.70
N VAL A 158 11.12 -9.22 20.49
CA VAL A 158 12.03 -10.32 20.20
C VAL A 158 13.29 -10.18 21.07
N ALA A 159 13.74 -8.97 21.33
CA ALA A 159 14.90 -8.76 22.18
C ALA A 159 14.64 -9.33 23.56
N LEU A 160 13.42 -9.15 24.06
CA LEU A 160 13.06 -9.70 25.35
C LEU A 160 13.06 -11.22 25.31
N ASP A 161 12.50 -11.82 24.27
CA ASP A 161 12.54 -13.29 24.17
C ASP A 161 14.00 -13.77 24.22
N VAL A 162 14.89 -13.16 23.45
CA VAL A 162 16.29 -13.57 23.43
C VAL A 162 16.87 -13.52 24.82
N ALA A 163 16.66 -12.41 25.51
CA ALA A 163 17.18 -12.23 26.85
C ALA A 163 16.62 -13.25 27.83
N ARG A 164 15.32 -13.51 27.73
CA ARG A 164 14.70 -14.49 28.62
C ARG A 164 15.29 -15.86 28.41
N ILE A 165 15.44 -16.27 27.17
CA ILE A 165 15.96 -17.61 26.93
C ILE A 165 17.40 -17.74 27.43
N LEU A 166 18.17 -16.67 27.33
CA LEU A 166 19.55 -16.73 27.77
C LEU A 166 19.71 -16.82 29.28
N LEU A 167 18.72 -16.31 30.00
CA LEU A 167 18.80 -16.18 31.45
C LEU A 167 17.88 -17.07 32.26
N THR A 168 16.88 -17.68 31.63
CA THR A 168 15.94 -18.50 32.36
C THR A 168 16.61 -19.75 32.88
N ASP A 169 16.26 -20.13 34.10
CA ASP A 169 16.81 -21.35 34.70
C ASP A 169 16.63 -22.51 33.70
N PRO A 170 17.69 -23.19 33.32
CA PRO A 170 17.54 -24.31 32.38
C PRO A 170 16.63 -25.41 32.91
N ASP A 171 16.47 -25.56 34.22
CA ASP A 171 15.52 -26.55 34.74
C ASP A 171 14.08 -26.18 34.35
N VAL A 172 13.80 -24.90 34.20
CA VAL A 172 12.50 -24.45 33.72
C VAL A 172 12.41 -24.70 32.19
N LEU A 173 13.44 -24.34 31.44
CA LEU A 173 13.42 -24.56 30.01
C LEU A 173 13.36 -26.04 29.64
N ALA A 174 13.83 -26.91 30.51
CA ALA A 174 13.82 -28.34 30.26
C ALA A 174 12.42 -28.90 30.19
N ARG A 175 11.42 -28.18 30.67
CA ARG A 175 10.04 -28.60 30.58
C ARG A 175 9.27 -27.95 29.42
N THR A 176 9.98 -27.33 28.50
CA THR A 176 9.39 -26.69 27.34
C THR A 176 9.80 -27.44 26.09
N ASP A 177 9.24 -26.99 24.98
CA ASP A 177 9.61 -27.54 23.68
C ASP A 177 10.83 -26.91 23.03
N ILE A 178 11.66 -26.25 23.82
CA ILE A 178 12.94 -25.75 23.34
C ILE A 178 13.72 -26.88 22.69
N ALA A 179 14.52 -26.54 21.68
CA ALA A 179 15.39 -27.49 21.05
C ALA A 179 16.34 -28.12 22.07
N ASP A 180 16.53 -29.44 21.94
CA ASP A 180 17.45 -30.12 22.82
C ASP A 180 18.87 -29.54 22.72
N HIS A 181 19.30 -29.15 21.53
CA HIS A 181 20.64 -28.62 21.37
C HIS A 181 20.81 -27.31 22.12
N ALA A 182 19.76 -26.51 22.19
CA ALA A 182 19.84 -25.26 22.92
C ALA A 182 19.84 -25.53 24.41
N LEU A 183 18.97 -26.42 24.85
CA LEU A 183 18.93 -26.78 26.25
C LEU A 183 20.31 -27.22 26.70
N GLU A 184 20.97 -28.05 25.91
CA GLU A 184 22.31 -28.54 26.27
C GLU A 184 23.28 -27.36 26.46
N SER A 185 23.22 -26.36 25.57
CA SER A 185 24.11 -25.20 25.66
C SER A 185 23.78 -24.26 26.81
N LEU A 186 22.54 -24.27 27.26
CA LEU A 186 22.07 -23.40 28.31
C LEU A 186 22.23 -23.99 29.70
N ARG A 187 22.35 -25.32 29.77
CA ARG A 187 22.48 -25.96 31.10
C ARG A 187 23.63 -25.42 31.97
N PRO A 188 24.80 -25.12 31.40
CA PRO A 188 25.89 -24.55 32.23
C PRO A 188 25.64 -23.17 32.84
N ARG A 189 24.59 -22.47 32.41
CA ARG A 189 24.25 -21.13 32.93
C ARG A 189 25.44 -20.19 32.78
N GLY A 190 26.07 -20.20 31.62
CA GLY A 190 27.27 -19.41 31.41
C GLY A 190 27.06 -17.91 31.45
N ILE A 191 25.96 -17.47 30.87
CA ILE A 191 25.68 -16.05 30.81
C ILE A 191 25.17 -15.53 32.15
N GLN A 192 25.89 -14.54 32.69
CA GLN A 192 25.55 -13.94 33.96
C GLN A 192 24.82 -12.62 33.79
N GLU A 193 24.98 -11.98 32.64
CA GLU A 193 24.37 -10.69 32.38
C GLU A 193 24.02 -10.58 30.91
N VAL A 194 22.80 -10.13 30.64
CA VAL A 194 22.41 -9.75 29.29
C VAL A 194 22.14 -8.25 29.33
N VAL A 195 22.78 -7.50 28.45
CA VAL A 195 22.53 -6.07 28.33
C VAL A 195 21.69 -5.82 27.06
N ILE A 196 20.50 -5.27 27.25
CA ILE A 196 19.59 -4.96 26.15
C ILE A 196 19.80 -3.48 25.83
N VAL A 197 20.19 -3.21 24.60
CA VAL A 197 20.64 -1.91 24.19
C VAL A 197 19.73 -1.30 23.13
N GLY A 198 19.04 -0.23 23.53
CA GLY A 198 18.11 0.47 22.66
C GLY A 198 18.68 1.79 22.19
N ARG A 199 18.53 2.07 20.89
CA ARG A 199 19.09 3.28 20.32
C ARG A 199 18.34 4.55 20.67
N ARG A 200 17.02 4.46 20.75
CA ARG A 200 16.21 5.57 21.21
C ARG A 200 15.90 5.39 22.69
N GLY A 201 14.93 6.13 23.21
CA GLY A 201 14.65 6.06 24.62
C GLY A 201 13.49 5.18 25.02
N PRO A 202 13.21 5.13 26.31
CA PRO A 202 12.11 4.31 26.78
C PRO A 202 10.76 4.61 26.12
N LEU A 203 10.48 5.87 25.81
CA LEU A 203 9.19 6.19 25.22
C LEU A 203 9.06 5.69 23.80
N GLN A 204 10.18 5.42 23.16
CA GLN A 204 10.20 4.94 21.79
C GLN A 204 10.30 3.42 21.71
N ALA A 205 10.35 2.73 22.84
CA ALA A 205 10.53 1.30 22.83
C ALA A 205 9.34 0.63 22.15
N ALA A 206 9.62 -0.46 21.47
CA ALA A 206 8.57 -1.23 20.79
C ALA A 206 8.07 -2.40 21.65
N PHE A 207 8.59 -2.54 22.85
CA PHE A 207 8.11 -3.52 23.81
C PHE A 207 6.65 -3.31 24.11
N THR A 208 5.97 -4.40 24.47
CA THR A 208 4.62 -4.26 25.02
C THR A 208 4.60 -4.67 26.50
N THR A 209 3.52 -4.35 27.19
CA THR A 209 3.58 -4.28 28.63
C THR A 209 3.66 -5.61 29.35
N LEU A 210 2.84 -6.57 28.95
CA LEU A 210 2.88 -7.87 29.58
C LEU A 210 4.25 -8.48 29.46
N GLU A 211 4.85 -8.27 28.29
CA GLU A 211 6.15 -8.81 27.99
C GLU A 211 7.22 -8.22 28.92
N LEU A 212 7.10 -6.94 29.26
CA LEU A 212 7.98 -6.35 30.26
C LEU A 212 7.66 -6.84 31.67
N ARG A 213 6.39 -6.96 32.00
CA ARG A 213 6.00 -7.39 33.34
C ARG A 213 6.47 -8.77 33.66
N GLU A 214 6.41 -9.68 32.69
CA GLU A 214 6.74 -11.08 32.94
CA GLU A 214 6.73 -11.08 32.94
C GLU A 214 8.20 -11.32 33.28
N LEU A 215 9.06 -10.33 33.00
CA LEU A 215 10.47 -10.46 33.35
C LEU A 215 10.65 -10.59 34.88
N ALA A 216 9.71 -10.05 35.64
CA ALA A 216 9.77 -10.11 37.11
C ALA A 216 9.65 -11.53 37.63
N ASP A 217 9.17 -12.45 36.81
CA ASP A 217 8.91 -13.82 37.25
C ASP A 217 9.99 -14.82 36.86
N LEU A 218 11.13 -14.31 36.42
CA LEU A 218 12.25 -15.14 36.08
C LEU A 218 13.05 -15.46 37.33
N ASP A 219 12.90 -16.68 37.80
CA ASP A 219 13.62 -17.10 38.98
C ASP A 219 15.10 -16.95 38.78
N GLY A 220 15.78 -16.34 39.74
CA GLY A 220 17.22 -16.23 39.68
C GLY A 220 17.74 -15.07 38.84
N VAL A 221 16.83 -14.26 38.29
CA VAL A 221 17.21 -13.12 37.46
C VAL A 221 16.69 -11.82 38.02
N ASP A 222 17.57 -10.85 38.14
CA ASP A 222 17.20 -9.48 38.48
C ASP A 222 17.18 -8.63 37.24
N VAL A 223 16.13 -7.86 37.11
CA VAL A 223 16.06 -6.86 36.05
C VAL A 223 16.70 -5.58 36.58
N VAL A 224 17.64 -5.02 35.85
CA VAL A 224 18.40 -3.87 36.29
C VAL A 224 18.16 -2.73 35.31
N ILE A 225 17.66 -1.60 35.83
CA ILE A 225 17.55 -0.37 35.06
C ILE A 225 18.09 0.74 35.94
N ASP A 226 19.16 1.36 35.53
CA ASP A 226 19.71 2.50 36.26
C ASP A 226 18.67 3.60 36.27
N PRO A 227 18.38 4.22 37.41
CA PRO A 227 17.41 5.32 37.44
C PRO A 227 17.72 6.43 36.44
N ALA A 228 18.99 6.63 36.08
CA ALA A 228 19.37 7.63 35.11
C ALA A 228 18.73 7.39 33.74
N GLU A 229 18.41 6.14 33.41
CA GLU A 229 17.75 5.83 32.15
C GLU A 229 16.37 6.46 32.05
N LEU A 230 15.81 6.88 33.17
CA LEU A 230 14.49 7.49 33.21
C LEU A 230 14.55 9.00 33.39
N ASP A 231 15.75 9.56 33.50
CA ASP A 231 15.84 11.02 33.62
C ASP A 231 15.33 11.62 32.33
N GLY A 232 14.46 12.61 32.45
CA GLY A 232 13.88 13.25 31.28
C GLY A 232 12.72 12.49 30.67
N ILE A 233 12.35 11.37 31.29
CA ILE A 233 11.27 10.51 30.78
C ILE A 233 10.10 10.75 31.70
N THR A 234 9.08 11.42 31.20
CA THR A 234 7.97 11.83 32.03
C THR A 234 6.72 11.03 31.75
N ASP A 235 5.90 10.93 32.77
CA ASP A 235 4.64 10.23 32.65
C ASP A 235 3.73 10.98 31.67
N GLU A 236 3.79 12.31 31.67
CA GLU A 236 2.99 13.10 30.74
C GLU A 236 3.36 12.76 29.29
N ASP A 237 4.66 12.74 29.00
CA ASP A 237 5.09 12.43 27.64
C ASP A 237 4.75 10.97 27.28
N ALA A 238 4.84 10.06 28.24
CA ALA A 238 4.50 8.65 27.97
C ALA A 238 3.03 8.53 27.57
N ALA A 239 2.17 9.18 28.32
CA ALA A 239 0.73 9.14 28.04
C ALA A 239 0.46 9.73 26.65
N ALA A 240 1.20 10.76 26.26
CA ALA A 240 1.04 11.38 24.93
C ALA A 240 1.39 10.39 23.81
N VAL A 241 2.35 9.50 24.07
CA VAL A 241 2.66 8.49 23.08
C VAL A 241 1.51 7.49 22.94
N GLY A 242 1.01 7.02 24.07
CA GLY A 242 -0.13 6.11 24.04
C GLY A 242 -0.29 5.31 25.33
N LYS A 243 -1.36 4.53 25.39
CA LYS A 243 -1.65 3.74 26.58
C LYS A 243 -0.61 2.67 26.88
N VAL A 244 -0.11 2.00 25.85
CA VAL A 244 0.90 0.97 26.04
C VAL A 244 2.17 1.60 26.62
N CYS A 245 2.57 2.72 26.05
CA CYS A 245 3.76 3.40 26.52
C CYS A 245 3.60 3.82 27.99
N LYS A 246 2.46 4.41 28.32
CA LYS A 246 2.19 4.77 29.69
C LYS A 246 2.39 3.60 30.64
N GLN A 247 1.82 2.46 30.29
CA GLN A 247 1.97 1.28 31.13
C GLN A 247 3.40 0.75 31.16
N ASN A 248 4.07 0.79 30.03
CA ASN A 248 5.46 0.35 29.96
C ASN A 248 6.31 1.15 30.92
N ILE A 249 6.14 2.47 30.92
CA ILE A 249 7.00 3.31 31.75
C ILE A 249 6.73 3.04 33.23
N LYS A 250 5.49 2.77 33.60
CA LYS A 250 5.23 2.41 34.98
C LYS A 250 5.98 1.15 35.39
N VAL A 251 5.99 0.17 34.50
CA VAL A 251 6.71 -1.07 34.74
C VAL A 251 8.22 -0.82 34.86
N LEU A 252 8.76 -0.01 33.95
CA LEU A 252 10.18 0.26 33.96
C LEU A 252 10.58 1.02 35.23
N ARG A 253 9.76 1.97 35.65
CA ARG A 253 10.05 2.67 36.91
C ARG A 253 10.11 1.68 38.06
N GLY A 254 9.19 0.71 38.07
CA GLY A 254 9.19 -0.29 39.11
C GLY A 254 10.48 -1.07 39.15
N TYR A 255 11.01 -1.42 38.00
CA TYR A 255 12.27 -2.15 37.97
C TYR A 255 13.41 -1.27 38.46
N ALA A 256 13.39 0.00 38.08
CA ALA A 256 14.46 0.92 38.44
C ALA A 256 14.48 1.17 39.94
N ASP A 257 13.36 0.92 40.61
CA ASP A 257 13.27 1.16 42.06
C ASP A 257 13.98 0.08 42.89
N ARG A 258 14.45 -0.97 42.24
CA ARG A 258 15.16 -2.01 42.97
C ARG A 258 16.69 -1.78 42.93
N GLU A 259 17.36 -1.91 44.08
CA GLU A 259 18.81 -1.75 44.12
C GLU A 259 19.47 -3.01 43.61
N ARG A 261 22.08 -5.85 43.42
CA ARG A 261 22.37 -7.05 44.25
C ARG A 261 23.52 -7.87 43.65
N PRO A 262 24.56 -8.22 44.40
CA PRO A 262 25.54 -9.18 43.92
C PRO A 262 25.02 -10.62 43.90
N GLY A 263 25.57 -11.43 43.01
CA GLY A 263 25.31 -12.86 43.03
C GLY A 263 24.23 -13.38 42.10
N HIS A 264 23.39 -12.48 41.59
CA HIS A 264 22.27 -12.86 40.76
C HIS A 264 22.56 -12.63 39.31
N ARG A 265 21.92 -13.42 38.47
CA ARG A 265 21.97 -13.17 37.02
C ARG A 265 21.21 -11.86 36.79
N ARG A 266 21.62 -11.11 35.76
CA ARG A 266 21.13 -9.73 35.53
C ARG A 266 20.65 -9.56 34.08
N MET A 267 19.50 -8.92 33.91
CA MET A 267 19.05 -8.42 32.62
C MET A 267 19.03 -6.90 32.75
N VAL A 268 19.94 -6.24 32.04
CA VAL A 268 20.16 -4.81 32.14
C VAL A 268 19.58 -4.10 30.91
N PHE A 269 18.85 -3.02 31.13
CA PHE A 269 18.35 -2.18 30.05
C PHE A 269 19.15 -0.91 29.95
N ARG A 270 19.69 -0.64 28.75
CA ARG A 270 20.39 0.59 28.44
C ARG A 270 19.68 1.22 27.24
N PHE A 271 19.35 2.49 27.34
CA PHE A 271 18.68 3.24 26.29
C PHE A 271 19.64 4.28 25.72
N LEU A 272 19.23 4.91 24.64
CA LEU A 272 19.98 5.96 24.00
C LEU A 272 21.41 5.53 23.72
N THR A 273 21.55 4.32 23.21
CA THR A 273 22.86 3.74 22.97
C THR A 273 22.82 2.93 21.67
N SER A 274 23.85 3.10 20.86
CA SER A 274 23.97 2.36 19.62
C SER A 274 25.27 1.55 19.56
N PRO A 275 25.23 0.38 18.95
CA PRO A 275 26.47 -0.37 18.72
C PRO A 275 27.22 0.29 17.56
N ILE A 276 28.50 0.56 17.80
CA ILE A 276 29.34 1.22 16.82
C ILE A 276 30.25 0.24 16.10
N GLU A 277 30.82 -0.68 16.84
CA GLU A 277 31.72 -1.66 16.29
C GLU A 277 31.79 -2.84 17.22
N ILE A 278 31.97 -4.02 16.66
CA ILE A 278 32.14 -5.23 17.44
C ILE A 278 33.60 -5.65 17.23
N LYS A 279 34.30 -5.99 18.30
CA LYS A 279 35.73 -6.26 18.20
C LYS A 279 36.11 -7.58 18.80
N GLY A 280 37.26 -8.09 18.36
CA GLY A 280 37.82 -9.29 18.91
C GLY A 280 38.74 -9.96 17.94
N LYS A 281 39.56 -10.86 18.48
CA LYS A 281 40.49 -11.68 17.71
C LYS A 281 39.76 -12.96 17.43
N ARG A 282 39.31 -13.04 16.19
CA ARG A 282 38.62 -14.19 15.66
C ARG A 282 37.23 -14.49 16.22
N LYS A 283 36.76 -13.74 17.22
CA LYS A 283 35.41 -13.91 17.75
C LYS A 283 35.11 -12.66 18.55
N VAL A 284 33.84 -12.47 18.87
CA VAL A 284 33.42 -11.33 19.65
C VAL A 284 34.06 -11.35 21.05
N GLU A 285 34.69 -10.23 21.41
CA GLU A 285 35.27 -10.05 22.74
C GLU A 285 34.82 -8.75 23.41
N ARG A 286 34.45 -7.75 22.62
CA ARG A 286 34.01 -6.49 23.21
C ARG A 286 33.20 -5.74 22.18
N ILE A 287 32.41 -4.80 22.67
CA ILE A 287 31.61 -3.97 21.79
C ILE A 287 31.79 -2.52 22.14
N VAL A 288 31.88 -1.72 21.09
CA VAL A 288 31.95 -0.26 21.23
C VAL A 288 30.53 0.28 21.13
N LEU A 289 30.15 1.07 22.12
CA LEU A 289 28.84 1.66 22.19
C LEU A 289 28.94 3.17 22.12
N GLY A 290 27.94 3.78 21.50
CA GLY A 290 27.84 5.22 21.38
C GLY A 290 26.59 5.75 22.02
N ARG A 291 26.67 6.90 22.65
CA ARG A 291 25.51 7.51 23.26
C ARG A 291 24.80 8.37 22.25
N ASN A 292 23.49 8.32 22.27
CA ASN A 292 22.63 9.13 21.42
C ASN A 292 21.83 10.14 22.23
N GLU A 293 21.37 11.19 21.55
CA GLU A 293 20.37 12.09 22.07
C GLU A 293 19.19 12.04 21.12
N LEU A 294 18.02 12.35 21.63
CA LEU A 294 16.81 12.37 20.79
C LEU A 294 16.61 13.75 20.19
N VAL A 295 16.31 13.77 18.90
CA VAL A 295 16.10 15.03 18.18
C VAL A 295 14.97 14.86 17.20
N SER A 296 14.19 15.91 17.01
CA SER A 296 13.13 15.91 16.02
CA SER A 296 13.13 15.90 16.02
C SER A 296 13.75 15.91 14.65
N ASP A 297 13.26 15.03 13.78
CA ASP A 297 13.78 15.01 12.42
C ASP A 297 12.84 15.70 11.41
N GLY A 298 11.69 16.19 11.88
CA GLY A 298 10.74 16.84 10.98
C GLY A 298 9.64 15.94 10.47
N SER A 299 9.74 14.64 10.74
CA SER A 299 8.76 13.65 10.29
C SER A 299 7.62 13.43 11.26
N GLY A 300 7.72 13.99 12.46
CA GLY A 300 6.72 13.75 13.50
C GLY A 300 7.22 12.81 14.55
N ARG A 301 8.49 12.50 14.48
CA ARG A 301 9.03 11.67 15.50
C ARG A 301 10.34 12.20 15.98
N VAL A 302 10.88 11.48 16.95
CA VAL A 302 12.22 11.77 17.33
C VAL A 302 13.08 10.61 16.82
N ALA A 303 14.26 11.02 16.49
CA ALA A 303 15.28 10.16 15.98
C ALA A 303 16.48 10.21 16.91
N ALA A 304 17.27 9.15 16.92
CA ALA A 304 18.53 9.14 17.65
C ALA A 304 19.61 9.86 16.86
N LYS A 305 20.37 10.70 17.54
CA LYS A 305 21.52 11.38 16.97
C LYS A 305 22.75 11.06 17.82
N ASP A 306 23.76 10.54 17.17
CA ASP A 306 25.02 10.21 17.86
C ASP A 306 25.67 11.43 18.50
N THR A 307 26.05 11.31 19.77
CA THR A 307 26.81 12.38 20.45
C THR A 307 28.27 12.30 20.13
N GLY A 308 28.75 11.18 19.63
CA GLY A 308 30.17 10.98 19.40
C GLY A 308 30.94 10.29 20.50
N GLU A 309 30.34 10.23 21.66
CA GLU A 309 30.96 9.57 22.79
C GLU A 309 31.05 8.07 22.53
N ARG A 310 32.12 7.47 23.03
CA ARG A 310 32.38 6.05 22.85
C ARG A 310 32.77 5.36 24.15
N GLU A 311 32.22 4.17 24.37
CA GLU A 311 32.50 3.33 25.55
C GLU A 311 32.72 1.94 24.99
N GLU A 312 33.61 1.16 25.58
CA GLU A 312 33.79 -0.24 25.22
C GLU A 312 33.36 -1.10 26.41
N LEU A 313 32.66 -2.19 26.11
CA LEU A 313 32.17 -3.14 27.08
C LEU A 313 32.58 -4.55 26.68
N PRO A 314 33.17 -5.37 27.56
CA PRO A 314 33.45 -6.75 27.18
C PRO A 314 32.16 -7.51 26.95
N ALA A 315 32.15 -8.38 25.95
CA ALA A 315 31.01 -9.22 25.70
C ALA A 315 31.46 -10.35 24.85
N GLN A 316 30.80 -11.50 25.00
CA GLN A 316 31.18 -12.68 24.24
C GLN A 316 30.11 -13.18 23.27
N LEU A 317 28.93 -12.56 23.31
CA LEU A 317 27.84 -12.87 22.39
C LEU A 317 27.15 -11.55 22.13
N VAL A 318 26.87 -11.25 20.86
CA VAL A 318 26.04 -10.09 20.48
C VAL A 318 24.95 -10.64 19.59
N VAL A 319 23.71 -10.43 20.01
CA VAL A 319 22.55 -10.81 19.22
C VAL A 319 21.87 -9.53 18.77
N ARG A 320 21.80 -9.30 17.46
CA ARG A 320 21.07 -8.17 16.95
C ARG A 320 19.61 -8.57 16.79
N SER A 321 18.75 -7.86 17.50
CA SER A 321 17.30 -8.03 17.37
C SER A 321 16.73 -6.73 16.86
N VAL A 322 17.11 -6.41 15.62
CA VAL A 322 16.76 -5.15 15.01
C VAL A 322 15.77 -5.33 13.89
N GLY A 323 15.05 -6.45 13.94
CA GLY A 323 13.99 -6.75 12.99
C GLY A 323 14.29 -7.93 12.12
N TYR A 324 13.23 -8.63 11.78
CA TYR A 324 13.26 -9.64 10.74
C TYR A 324 13.20 -8.92 9.38
N ARG A 325 13.38 -9.65 8.28
CA ARG A 325 13.45 -9.05 6.98
C ARG A 325 13.02 -10.06 5.93
N GLY A 326 12.24 -9.59 4.95
CA GLY A 326 11.82 -10.44 3.87
C GLY A 326 12.99 -10.76 2.96
N VAL A 327 12.82 -11.86 2.22
CA VAL A 327 13.76 -12.36 1.25
C VAL A 327 13.06 -12.35 -0.12
N PRO A 328 13.73 -11.92 -1.18
CA PRO A 328 13.07 -11.93 -2.50
C PRO A 328 12.74 -13.35 -2.94
N THR A 329 11.61 -13.49 -3.61
CA THR A 329 11.19 -14.76 -4.20
C THR A 329 11.44 -14.63 -5.69
N PRO A 330 12.16 -15.59 -6.28
CA PRO A 330 12.39 -15.60 -7.72
C PRO A 330 11.07 -15.44 -8.49
N GLY A 331 10.99 -14.53 -9.45
CA GLY A 331 9.79 -14.33 -10.24
C GLY A 331 8.77 -13.35 -9.74
N LEU A 332 9.02 -12.77 -8.55
CA LEU A 332 8.11 -11.78 -8.01
C LEU A 332 8.90 -10.50 -7.77
N PRO A 333 8.22 -9.37 -7.81
CA PRO A 333 8.87 -8.09 -7.49
C PRO A 333 9.18 -8.01 -6.00
N PHE A 334 10.01 -7.03 -5.65
CA PHE A 334 10.49 -6.90 -4.29
C PHE A 334 11.02 -5.50 -4.07
N ASP A 335 10.80 -4.98 -2.87
CA ASP A 335 11.33 -3.68 -2.48
C ASP A 335 12.47 -3.97 -1.52
N ASP A 336 13.70 -3.77 -1.99
CA ASP A 336 14.88 -4.08 -1.19
C ASP A 336 14.89 -3.35 0.13
N GLN A 337 14.54 -2.07 0.15
CA GLN A 337 14.65 -1.31 1.37
C GLN A 337 13.76 -1.83 2.48
N SER A 338 12.51 -2.12 2.17
CA SER A 338 11.56 -2.57 3.17
C SER A 338 11.56 -4.09 3.35
N GLY A 339 12.09 -4.82 2.39
CA GLY A 339 12.01 -6.27 2.43
C GLY A 339 10.58 -6.77 2.29
N THR A 340 9.76 -6.08 1.51
CA THR A 340 8.39 -6.49 1.26
C THR A 340 8.15 -6.61 -0.24
N ILE A 341 7.08 -7.29 -0.61
CA ILE A 341 6.63 -7.35 -2.00
C ILE A 341 5.65 -6.22 -2.26
N PRO A 342 5.89 -5.37 -3.23
CA PRO A 342 5.00 -4.23 -3.49
C PRO A 342 3.66 -4.73 -3.97
N ASN A 343 2.62 -4.11 -3.43
CA ASN A 343 1.27 -4.57 -3.67
C ASN A 343 0.24 -3.48 -3.44
N VAL A 344 -0.93 -3.64 -4.04
CA VAL A 344 -2.05 -2.72 -3.85
CA VAL A 344 -2.05 -2.72 -3.85
C VAL A 344 -3.24 -3.53 -3.40
N GLY A 345 -3.70 -3.30 -2.18
CA GLY A 345 -4.81 -4.03 -1.62
C GLY A 345 -4.47 -5.50 -1.53
N GLY A 346 -3.17 -5.84 -1.43
CA GLY A 346 -2.73 -7.22 -1.39
C GLY A 346 -2.39 -7.84 -2.74
N ARG A 347 -2.76 -7.21 -3.86
CA ARG A 347 -2.40 -7.74 -5.16
C ARG A 347 -0.97 -7.35 -5.49
N ILE A 348 -0.15 -8.31 -5.87
CA ILE A 348 1.24 -8.04 -6.22
C ILE A 348 1.32 -7.13 -7.43
N ASN A 349 2.25 -6.17 -7.40
N ASN A 349 2.04 -6.03 -7.31
CA ASN A 349 2.46 -5.24 -8.52
CA ASN A 349 2.14 -5.13 -8.43
C ASN A 349 2.60 -6.00 -9.72
C ASN A 349 2.67 -5.88 -9.73
N GLY A 350 1.95 -5.58 -10.80
CA GLY A 350 2.15 -6.16 -12.09
C GLY A 350 1.46 -7.48 -12.36
N SER A 351 0.80 -8.05 -11.36
CA SER A 351 0.18 -9.35 -11.51
C SER A 351 -1.34 -9.27 -11.49
N PRO A 352 -2.00 -10.07 -12.31
CA PRO A 352 -3.45 -10.15 -12.26
C PRO A 352 -3.99 -11.14 -11.26
N ASN A 353 -3.15 -12.01 -10.72
CA ASN A 353 -3.71 -13.10 -9.91
C ASN A 353 -2.80 -13.58 -8.78
N GLU A 354 -1.78 -12.81 -8.43
CA GLU A 354 -0.88 -13.14 -7.32
C GLU A 354 -1.02 -12.07 -6.27
N TYR A 355 -1.00 -12.53 -5.02
CA TYR A 355 -1.32 -11.72 -3.88
C TYR A 355 -0.32 -11.97 -2.76
N VAL A 356 -0.36 -11.09 -1.77
CA VAL A 356 0.44 -11.23 -0.56
C VAL A 356 -0.41 -10.98 0.68
N VAL A 357 -0.03 -11.66 1.77
CA VAL A 357 -0.60 -11.43 3.08
C VAL A 357 0.54 -11.54 4.08
N GLY A 358 0.31 -11.01 5.27
CA GLY A 358 1.24 -11.18 6.38
C GLY A 358 2.43 -10.27 6.30
N TRP A 359 3.49 -10.69 6.98
CA TRP A 359 4.69 -9.89 7.08
C TRP A 359 5.36 -9.60 5.75
N ILE A 360 5.20 -10.44 4.74
CA ILE A 360 5.78 -10.13 3.43
C ILE A 360 5.06 -8.97 2.74
N LYS A 361 3.80 -8.75 3.13
CA LYS A 361 2.98 -7.65 2.61
C LYS A 361 3.19 -6.38 3.39
N ARG A 362 3.15 -6.50 4.72
CA ARG A 362 3.07 -5.35 5.63
C ARG A 362 4.35 -4.97 6.32
N GLY A 363 5.36 -5.82 6.23
CA GLY A 363 6.57 -5.67 6.99
C GLY A 363 6.45 -6.46 8.28
N PRO A 364 7.58 -6.67 8.95
CA PRO A 364 7.64 -7.64 10.04
C PRO A 364 7.23 -7.11 11.37
N THR A 365 5.99 -6.66 11.48
CA THR A 365 5.48 -6.22 12.76
C THR A 365 4.04 -6.70 12.95
N GLY A 366 3.73 -6.93 14.20
CA GLY A 366 2.39 -7.28 14.64
C GLY A 366 2.32 -8.65 15.25
N VAL A 367 1.49 -8.77 16.28
CA VAL A 367 1.16 -10.03 16.90
C VAL A 367 0.38 -10.92 15.90
N ILE A 368 0.23 -12.17 16.27
CA ILE A 368 -0.41 -13.14 15.40
C ILE A 368 -1.72 -12.62 14.83
N GLY A 369 -2.56 -12.09 15.70
CA GLY A 369 -3.88 -11.66 15.30
C GLY A 369 -3.93 -10.52 14.32
N THR A 370 -2.85 -9.74 14.19
CA THR A 370 -2.85 -8.63 13.23
C THR A 370 -2.90 -9.16 11.81
N ASN A 371 -2.59 -10.44 11.63
CA ASN A 371 -2.62 -11.04 10.31
C ASN A 371 -4.00 -11.40 9.80
N LYS A 372 -4.99 -11.38 10.69
CA LYS A 372 -6.32 -11.83 10.33
C LYS A 372 -7.06 -10.84 9.40
N LYS A 373 -7.19 -9.58 9.81
CA LYS A 373 -7.87 -8.60 9.00
C LYS A 373 -7.09 -8.36 7.73
N ASP A 374 -5.77 -8.40 7.85
CA ASP A 374 -4.89 -8.27 6.70
C ASP A 374 -5.21 -9.31 5.64
N ALA A 375 -5.27 -10.56 6.05
CA ALA A 375 -5.55 -11.64 5.15
C ALA A 375 -6.97 -11.50 4.57
N GLN A 376 -7.93 -11.12 5.39
CA GLN A 376 -9.31 -10.96 4.93
C GLN A 376 -9.39 -9.90 3.83
N ASP A 377 -8.67 -8.81 4.04
CA ASP A 377 -8.67 -7.74 3.06
C ASP A 377 -8.10 -8.20 1.72
N THR A 378 -6.98 -8.90 1.77
CA THR A 378 -6.39 -9.43 0.55
C THR A 378 -7.37 -10.41 -0.14
N VAL A 379 -7.97 -11.31 0.64
CA VAL A 379 -8.88 -12.29 0.07
C VAL A 379 -10.10 -11.63 -0.57
N ASP A 380 -10.61 -10.58 0.05
CA ASP A 380 -11.73 -9.87 -0.53
C ASP A 380 -11.34 -9.34 -1.92
N THR A 381 -10.15 -8.75 -2.04
CA THR A 381 -9.67 -8.27 -3.34
C THR A 381 -9.54 -9.38 -4.37
N LEU A 382 -8.94 -10.49 -3.94
CA LEU A 382 -8.73 -11.64 -4.78
C LEU A 382 -10.06 -12.15 -5.33
N ILE A 383 -11.05 -12.28 -4.44
CA ILE A 383 -12.33 -12.84 -4.83
C ILE A 383 -13.07 -11.90 -5.78
N LYS A 384 -12.99 -10.61 -5.50
CA LYS A 384 -13.59 -9.64 -6.42
C LYS A 384 -12.98 -9.78 -7.79
N ASN A 385 -11.65 -9.91 -7.86
CA ASN A 385 -10.96 -10.02 -9.12
C ASN A 385 -11.29 -11.30 -9.87
N LEU A 386 -11.47 -12.41 -9.17
CA LEU A 386 -11.88 -13.63 -9.84
C LEU A 386 -13.27 -13.48 -10.42
N GLY A 387 -14.17 -12.86 -9.67
CA GLY A 387 -15.55 -12.66 -10.13
C GLY A 387 -15.54 -11.83 -11.40
N ASN A 388 -14.75 -10.78 -11.42
CA ASN A 388 -14.65 -9.96 -12.64
C ASN A 388 -14.15 -10.76 -13.83
N ALA A 389 -13.14 -11.59 -13.60
CA ALA A 389 -12.61 -12.46 -14.63
C ALA A 389 -13.66 -13.43 -15.16
N LYS A 390 -14.44 -14.02 -14.25
CA LYS A 390 -15.46 -15.00 -14.62
C LYS A 390 -16.54 -14.35 -15.47
N GLU A 391 -16.93 -13.15 -15.11
CA GLU A 391 -17.96 -12.42 -15.84
C GLU A 391 -17.45 -11.99 -17.22
N GLY A 392 -16.15 -11.80 -17.35
CA GLY A 392 -15.53 -11.43 -18.61
C GLY A 392 -15.11 -12.65 -19.39
N ALA A 393 -15.50 -13.84 -18.92
CA ALA A 393 -15.11 -15.09 -19.56
C ALA A 393 -13.60 -15.12 -19.73
N GLU A 394 -12.88 -14.78 -18.66
CA GLU A 394 -11.42 -14.74 -18.68
C GLU A 394 -10.81 -15.72 -17.68
N CYS A 395 -11.61 -16.58 -17.09
CA CYS A 395 -11.07 -17.56 -16.15
C CYS A 395 -10.32 -18.63 -16.88
N LYS A 396 -9.35 -19.21 -16.20
CA LYS A 396 -8.61 -20.27 -16.79
C LYS A 396 -9.56 -21.43 -16.99
N SER A 397 -9.18 -22.24 -17.94
CA SER A 397 -9.90 -23.44 -18.22
C SER A 397 -9.11 -24.57 -17.56
N PHE A 398 -9.71 -25.32 -16.66
CA PHE A 398 -9.03 -26.45 -16.04
C PHE A 398 -9.87 -27.71 -16.19
N PRO A 399 -9.23 -28.85 -16.44
CA PRO A 399 -9.95 -30.13 -16.55
C PRO A 399 -10.70 -30.50 -15.26
N ASP A 401 -10.48 -33.05 -13.20
CA ASP A 401 -9.49 -33.69 -12.29
C ASP A 401 -8.20 -32.89 -12.11
N HIS A 402 -8.32 -31.58 -12.26
CA HIS A 402 -7.19 -30.70 -12.10
C HIS A 402 -6.44 -30.89 -10.78
N ALA A 403 -7.16 -31.12 -9.71
CA ALA A 403 -6.50 -31.29 -8.39
C ALA A 403 -5.50 -32.45 -8.40
N ASP A 404 -5.85 -33.55 -9.05
CA ASP A 404 -4.96 -34.69 -9.15
C ASP A 404 -3.76 -34.36 -10.00
N GLN A 405 -4.00 -33.65 -11.06
CA GLN A 405 -2.94 -33.31 -11.95
C GLN A 405 -1.91 -32.37 -11.27
N VAL A 406 -2.38 -31.39 -10.51
CA VAL A 406 -1.45 -30.49 -9.83
CA VAL A 406 -1.46 -30.50 -9.84
CA VAL A 406 -1.46 -30.49 -9.83
C VAL A 406 -0.68 -31.24 -8.74
N ALA A 407 -1.34 -32.18 -8.06
CA ALA A 407 -0.62 -32.97 -7.05
C ALA A 407 0.45 -33.84 -7.70
N ASP A 408 0.16 -34.40 -8.86
CA ASP A 408 1.17 -35.19 -9.57
C ASP A 408 2.36 -34.34 -9.98
N TRP A 409 2.10 -33.10 -10.41
CA TRP A 409 3.17 -32.19 -10.77
C TRP A 409 4.01 -31.87 -9.52
N LEU A 410 3.37 -31.58 -8.40
CA LEU A 410 4.12 -31.32 -7.17
C LEU A 410 4.96 -32.51 -6.78
N ALA A 411 4.43 -33.72 -6.90
CA ALA A 411 5.21 -34.91 -6.58
C ALA A 411 6.37 -35.15 -7.52
N ALA A 412 6.20 -34.79 -8.80
CA ALA A 412 7.29 -34.91 -9.75
C ALA A 412 8.42 -33.96 -9.37
N ARG A 413 8.06 -32.75 -8.96
CA ARG A 413 9.03 -31.73 -8.64
C ARG A 413 9.66 -31.96 -7.27
N GLN A 414 8.91 -32.57 -6.36
CA GLN A 414 9.38 -32.80 -5.02
C GLN A 414 8.86 -34.16 -4.56
N PRO A 415 9.58 -35.21 -4.88
CA PRO A 415 9.18 -36.55 -4.47
C PRO A 415 9.15 -36.71 -2.94
N LYS A 416 9.83 -35.82 -2.23
CA LYS A 416 9.86 -35.89 -0.77
C LYS A 416 8.91 -34.88 -0.12
N LEU A 417 7.81 -34.59 -0.80
CA LEU A 417 6.84 -33.69 -0.21
C LEU A 417 6.15 -34.38 0.97
N VAL A 418 5.62 -33.54 1.86
CA VAL A 418 5.01 -34.00 3.10
C VAL A 418 3.54 -33.59 3.11
N THR A 419 2.65 -34.56 2.98
CA THR A 419 1.22 -34.28 3.00
C THR A 419 0.74 -34.07 4.43
N SER A 420 -0.51 -33.67 4.57
CA SER A 420 -1.07 -33.47 5.91
C SER A 420 -0.94 -34.73 6.75
N ALA A 421 -1.28 -35.88 6.16
CA ALA A 421 -1.23 -37.13 6.91
C ALA A 421 0.18 -37.40 7.45
N HIS A 422 1.18 -37.05 6.67
CA HIS A 422 2.56 -37.26 7.11
C HIS A 422 3.07 -36.22 8.11
N TRP A 423 2.61 -34.99 7.97
CA TRP A 423 2.85 -34.03 9.03
C TRP A 423 2.25 -34.56 10.33
N GLN A 424 1.05 -35.16 10.26
CA GLN A 424 0.41 -35.63 11.48
C GLN A 424 1.25 -36.70 12.18
N VAL A 425 2.00 -37.49 11.41
CA VAL A 425 2.93 -38.48 11.97
C VAL A 425 4.11 -37.79 12.65
N ILE A 426 4.72 -36.80 12.00
CA ILE A 426 5.75 -35.99 12.65
C ILE A 426 5.23 -35.41 13.97
N ASP A 427 4.06 -34.82 13.92
CA ASP A 427 3.49 -34.18 15.09
C ASP A 427 3.32 -35.17 16.23
N ALA A 428 2.76 -36.32 15.91
CA ALA A 428 2.56 -37.34 16.93
C ALA A 428 3.88 -37.81 17.51
N PHE A 429 4.86 -37.97 16.66
CA PHE A 429 6.19 -38.39 17.10
C PHE A 429 6.77 -37.39 18.08
N GLU A 430 6.71 -36.12 17.74
CA GLU A 430 7.29 -35.08 18.57
C GLU A 430 6.57 -34.95 19.91
N ARG A 431 5.25 -34.97 19.89
CA ARG A 431 4.50 -34.88 21.13
C ARG A 431 4.77 -36.07 22.04
N ALA A 432 4.82 -37.28 21.46
CA ALA A 432 5.06 -38.48 22.27
C ALA A 432 6.45 -38.46 22.85
N ALA A 433 7.39 -37.82 22.17
CA ALA A 433 8.74 -37.71 22.67
C ALA A 433 8.81 -36.79 23.89
N GLY A 434 7.96 -35.77 23.94
CA GLY A 434 8.01 -34.81 24.99
C GLY A 434 7.19 -35.10 26.22
N GLU A 435 5.98 -35.60 26.04
CA GLU A 435 5.06 -35.68 27.16
C GLU A 435 5.60 -36.48 28.35
N PRO A 436 6.25 -37.62 28.14
CA PRO A 436 6.81 -38.36 29.29
C PRO A 436 7.87 -37.60 30.10
N HIS A 437 8.40 -36.53 29.54
CA HIS A 437 9.43 -35.70 30.16
C HIS A 437 8.85 -34.35 30.61
N GLY A 438 7.53 -34.23 30.59
CA GLY A 438 6.86 -33.02 31.00
C GLY A 438 6.85 -31.90 29.99
N ARG A 439 7.20 -32.20 28.76
CA ARG A 439 7.34 -31.21 27.70
C ARG A 439 6.20 -31.35 26.69
N PRO A 440 5.77 -30.26 26.06
CA PRO A 440 4.71 -30.43 25.05
C PRO A 440 5.13 -31.29 23.87
N ARG A 441 6.39 -31.18 23.50
CA ARG A 441 6.96 -31.96 22.42
C ARG A 441 8.48 -31.84 22.46
N VAL A 442 9.17 -32.75 21.79
CA VAL A 442 10.59 -32.61 21.50
C VAL A 442 10.65 -32.58 19.98
N LYS A 443 11.13 -31.48 19.44
CA LYS A 443 11.10 -31.29 18.01
C LYS A 443 12.24 -32.00 17.30
N LEU A 444 11.93 -32.48 16.10
CA LEU A 444 12.94 -32.99 15.17
C LEU A 444 13.58 -31.76 14.53
N ALA A 445 14.87 -31.59 14.75
CA ALA A 445 15.54 -30.31 14.50
C ALA A 445 16.27 -30.17 13.18
N SER A 446 16.25 -31.22 12.37
CA SER A 446 16.89 -31.19 11.05
C SER A 446 15.92 -31.74 10.01
N LEU A 447 16.13 -31.33 8.76
CA LEU A 447 15.34 -31.84 7.69
C LEU A 447 15.47 -33.34 7.61
N ALA A 448 16.68 -33.87 7.77
CA ALA A 448 16.85 -35.31 7.65
C ALA A 448 16.00 -36.06 8.67
N GLU A 449 16.01 -35.60 9.91
CA GLU A 449 15.24 -36.25 10.97
C GLU A 449 13.74 -36.10 10.72
N LEU A 450 13.32 -34.91 10.28
CA LEU A 450 11.91 -34.70 9.97
C LEU A 450 11.43 -35.65 8.87
N LEU A 451 12.25 -35.78 7.82
CA LEU A 451 11.84 -36.62 6.72
C LEU A 451 11.93 -38.11 7.03
N ARG A 452 12.84 -38.50 7.91
CA ARG A 452 12.92 -39.91 8.30
C ARG A 452 11.58 -40.33 8.86
N ILE A 453 10.94 -39.44 9.64
CA ILE A 453 9.67 -39.77 10.25
C ILE A 453 8.50 -39.45 9.34
N GLY A 454 8.56 -38.33 8.63
CA GLY A 454 7.45 -37.87 7.82
C GLY A 454 7.21 -38.70 6.58
N LEU A 455 8.27 -39.17 5.97
CA LEU A 455 8.12 -39.88 4.71
C LEU A 455 7.95 -41.36 4.96
N GLY A 456 8.37 -41.82 6.16
CA GLY A 456 8.41 -43.23 6.55
C GLY A 456 7.36 -44.09 5.89
N ARG B 2 23.10 23.15 4.45
CA ARG B 2 22.34 23.41 3.20
C ARG B 2 20.93 22.91 3.35
N PRO B 3 20.01 23.44 2.55
CA PRO B 3 18.66 22.89 2.54
C PRO B 3 18.66 21.56 1.79
N TYR B 4 17.66 20.74 2.08
CA TYR B 4 17.35 19.64 1.21
C TYR B 4 16.68 20.20 -0.05
N TYR B 5 16.98 19.58 -1.18
CA TYR B 5 16.42 19.95 -2.47
C TYR B 5 15.43 18.88 -2.87
N ILE B 6 14.16 19.27 -2.99
CA ILE B 6 13.10 18.34 -3.34
C ILE B 6 12.50 18.77 -4.64
N ALA B 7 12.41 17.84 -5.57
CA ALA B 7 11.66 18.07 -6.81
C ALA B 7 10.30 17.42 -6.71
N ILE B 8 9.28 18.14 -7.16
CA ILE B 8 7.93 17.63 -7.23
C ILE B 8 7.53 17.69 -8.70
N VAL B 9 7.12 16.53 -9.21
CA VAL B 9 6.74 16.37 -10.61
C VAL B 9 5.21 16.41 -10.67
N GLY B 10 4.71 17.47 -11.28
CA GLY B 10 3.31 17.77 -11.30
C GLY B 10 3.00 18.95 -10.39
N SER B 11 1.85 19.59 -10.64
CA SER B 11 1.46 20.79 -9.93
C SER B 11 -0.03 20.84 -9.59
N GLY B 12 -0.64 19.67 -9.47
CA GLY B 12 -2.01 19.57 -9.03
C GLY B 12 -2.08 19.55 -7.51
N PRO B 13 -3.26 19.22 -7.00
CA PRO B 13 -3.46 19.23 -5.56
C PRO B 13 -2.45 18.41 -4.78
N SER B 14 -2.17 17.18 -5.18
CA SER B 14 -1.29 16.38 -4.36
C SER B 14 0.11 17.00 -4.32
N ALA B 15 0.57 17.53 -5.44
CA ALA B 15 1.85 18.21 -5.48
C ALA B 15 1.87 19.39 -4.52
N PHE B 16 0.82 20.19 -4.52
CA PHE B 16 0.80 21.37 -3.65
C PHE B 16 0.62 21.00 -2.19
N PHE B 17 -0.12 19.95 -1.90
CA PHE B 17 -0.20 19.51 -0.51
C PHE B 17 1.16 19.00 -0.05
N ALA B 18 1.86 18.27 -0.90
CA ALA B 18 3.20 17.80 -0.56
C ALA B 18 4.13 18.99 -0.33
N ALA B 19 4.08 19.97 -1.22
CA ALA B 19 4.94 21.14 -1.08
C ALA B 19 4.69 21.83 0.25
N ALA B 20 3.44 22.04 0.58
CA ALA B 20 3.09 22.69 1.84
C ALA B 20 3.60 21.89 3.03
N SER B 21 3.49 20.56 2.96
CA SER B 21 3.98 19.73 4.04
C SER B 21 5.50 19.81 4.20
N LEU B 22 6.23 19.85 3.09
CA LEU B 22 7.67 19.99 3.17
C LEU B 22 8.08 21.31 3.84
N LEU B 23 7.45 22.38 3.41
CA LEU B 23 7.79 23.69 3.91
C LEU B 23 7.42 23.81 5.38
N LYS B 24 6.29 23.22 5.75
CA LYS B 24 5.86 23.23 7.15
C LYS B 24 6.84 22.47 8.02
N ALA B 25 7.36 21.35 7.55
CA ALA B 25 8.32 20.60 8.32
C ALA B 25 9.55 21.47 8.58
N ALA B 26 10.05 22.14 7.55
CA ALA B 26 11.20 23.04 7.75
C ALA B 26 10.84 24.16 8.72
N ASP B 27 9.66 24.72 8.60
CA ASP B 27 9.29 25.84 9.46
C ASP B 27 9.22 25.46 10.93
N THR B 28 8.94 24.20 11.22
CA THR B 28 8.72 23.76 12.58
C THR B 28 9.85 22.92 13.14
N THR B 29 10.96 22.79 12.40
CA THR B 29 12.03 21.91 12.83
C THR B 29 13.37 22.57 12.74
N GLU B 30 14.09 22.58 13.87
CA GLU B 30 15.43 23.11 13.85
C GLU B 30 16.36 22.26 13.00
N ASP B 31 17.34 22.91 12.38
CA ASP B 31 18.32 22.24 11.56
C ASP B 31 17.69 21.41 10.43
N LEU B 32 16.64 21.96 9.85
CA LEU B 32 15.99 21.39 8.68
C LEU B 32 15.53 22.54 7.80
N ASP B 33 16.14 22.66 6.64
CA ASP B 33 15.76 23.68 5.66
C ASP B 33 15.35 22.95 4.37
N MET B 34 14.51 23.62 3.58
CA MET B 34 13.95 23.02 2.36
CA MET B 34 13.93 23.03 2.38
C MET B 34 14.00 23.98 1.20
N ALA B 35 14.19 23.40 0.01
CA ALA B 35 14.08 24.10 -1.28
C ALA B 35 13.21 23.17 -2.12
N VAL B 36 12.10 23.67 -2.63
CA VAL B 36 11.17 22.88 -3.40
C VAL B 36 11.03 23.42 -4.82
N ASP B 37 11.32 22.56 -5.79
CA ASP B 37 11.16 22.88 -7.20
C ASP B 37 10.03 22.01 -7.75
N MET B 38 9.06 22.64 -8.39
CA MET B 38 7.89 21.97 -8.93
C MET B 38 7.99 22.03 -10.46
N LEU B 39 8.03 20.86 -11.08
CA LEU B 39 8.20 20.69 -12.52
C LEU B 39 6.87 20.23 -13.10
N GLU B 40 6.30 21.01 -13.99
CA GLU B 40 4.96 20.77 -14.49
C GLU B 40 4.99 20.66 -15.99
N MET B 41 4.32 19.65 -16.52
CA MET B 41 4.26 19.38 -17.95
C MET B 41 3.66 20.53 -18.74
N LEU B 42 2.58 21.10 -18.23
CA LEU B 42 1.92 22.20 -18.91
C LEU B 42 2.51 23.53 -18.51
N PRO B 43 2.25 24.58 -19.29
CA PRO B 43 2.62 25.93 -18.82
C PRO B 43 1.91 26.40 -17.60
N THR B 44 0.75 25.80 -17.33
CA THR B 44 -0.14 26.25 -16.28
C THR B 44 -0.17 25.25 -15.14
N PRO B 45 -0.20 25.74 -13.90
CA PRO B 45 -0.27 24.87 -12.73
C PRO B 45 -1.71 24.43 -12.43
N TRP B 46 -1.82 23.59 -11.42
CA TRP B 46 -3.05 23.23 -10.71
C TRP B 46 -3.69 21.94 -11.17
N GLY B 47 -3.15 21.32 -12.22
CA GLY B 47 -3.66 20.02 -12.61
C GLY B 47 -5.13 20.03 -12.90
N LEU B 48 -5.83 19.02 -12.40
CA LEU B 48 -7.25 18.89 -12.65
C LEU B 48 -8.07 20.02 -12.03
N VAL B 49 -7.52 20.77 -11.07
CA VAL B 49 -8.29 21.93 -10.56
C VAL B 49 -8.59 22.87 -11.72
N ARG B 50 -7.63 23.02 -12.63
CA ARG B 50 -7.83 23.81 -13.83
C ARG B 50 -8.47 23.00 -14.95
N SER B 51 -7.94 21.82 -15.26
CA SER B 51 -8.32 21.12 -16.48
C SER B 51 -9.39 20.04 -16.35
N GLY B 52 -9.76 19.72 -15.11
CA GLY B 52 -10.72 18.67 -14.80
C GLY B 52 -12.03 19.18 -14.31
N VAL B 53 -11.97 19.87 -13.18
CA VAL B 53 -13.16 20.46 -12.57
C VAL B 53 -13.94 21.19 -13.66
N ALA B 54 -15.24 20.93 -13.69
CA ALA B 54 -16.10 21.43 -14.77
C ALA B 54 -16.18 22.95 -14.76
N PRO B 55 -16.39 23.54 -15.92
CA PRO B 55 -16.46 24.99 -16.01
C PRO B 55 -17.66 25.58 -15.28
N ASP B 56 -18.70 24.79 -15.06
CA ASP B 56 -19.82 25.21 -14.25
C ASP B 56 -19.69 24.85 -12.76
N HIS B 57 -18.46 24.47 -12.36
CA HIS B 57 -18.12 24.20 -10.97
C HIS B 57 -16.99 25.15 -10.52
N PRO B 58 -17.16 26.46 -10.68
CA PRO B 58 -16.05 27.36 -10.34
C PRO B 58 -15.72 27.43 -8.88
N LYS B 59 -16.66 27.16 -7.98
CA LYS B 59 -16.41 27.44 -6.56
C LYS B 59 -15.24 26.61 -6.00
N ILE B 60 -15.18 25.33 -6.32
CA ILE B 60 -14.15 24.48 -5.73
C ILE B 60 -12.77 24.86 -6.26
N LYS B 61 -12.71 25.49 -7.43
CA LYS B 61 -11.46 25.88 -7.99
C LYS B 61 -10.75 26.94 -7.14
N SER B 62 -11.49 27.57 -6.22
CA SER B 62 -10.93 28.58 -5.33
C SER B 62 -9.78 28.07 -4.50
N ILE B 63 -9.62 26.76 -4.35
CA ILE B 63 -8.50 26.19 -3.64
C ILE B 63 -7.19 26.62 -4.25
N SER B 64 -7.21 27.01 -5.51
CA SER B 64 -6.00 27.49 -6.14
C SER B 64 -5.37 28.64 -5.37
N LYS B 65 -6.18 29.42 -4.64
CA LYS B 65 -5.62 30.53 -3.88
C LYS B 65 -4.67 30.03 -2.80
N GLN B 66 -4.99 28.87 -2.24
CA GLN B 66 -4.13 28.26 -1.26
C GLN B 66 -2.82 27.79 -1.90
N PHE B 67 -2.90 27.27 -3.13
CA PHE B 67 -1.72 26.87 -3.85
C PHE B 67 -0.86 28.07 -4.20
N GLU B 68 -1.50 29.17 -4.53
CA GLU B 68 -0.77 30.39 -4.84
C GLU B 68 -0.01 30.90 -3.64
N LYS B 69 -0.59 30.79 -2.46
CA LYS B 69 0.10 31.21 -1.25
C LYS B 69 1.36 30.37 -1.03
N THR B 70 1.24 29.06 -1.19
CA THR B 70 2.44 28.24 -1.11
C THR B 70 3.49 28.64 -2.11
N ALA B 71 3.06 28.93 -3.33
CA ALA B 71 3.99 29.29 -4.39
C ALA B 71 4.71 30.61 -4.17
N GLU B 72 4.17 31.46 -3.32
CA GLU B 72 4.81 32.73 -2.93
C GLU B 72 6.03 32.52 -2.04
N ASP B 73 6.17 31.34 -1.43
CA ASP B 73 7.29 31.10 -0.54
C ASP B 73 8.60 31.22 -1.30
N PRO B 74 9.58 31.96 -0.78
CA PRO B 74 10.83 32.10 -1.50
C PRO B 74 11.61 30.82 -1.68
N ARG B 75 11.27 29.77 -0.95
CA ARG B 75 11.92 28.48 -1.09
C ARG B 75 11.34 27.61 -2.20
N PHE B 76 10.26 28.09 -2.79
CA PHE B 76 9.50 27.36 -3.82
C PHE B 76 9.75 27.97 -5.19
N ARG B 77 9.97 27.11 -6.19
CA ARG B 77 10.08 27.56 -7.58
C ARG B 77 9.21 26.66 -8.46
N PHE B 78 8.56 27.27 -9.43
CA PHE B 78 7.74 26.60 -10.42
C PHE B 78 8.44 26.62 -11.77
N PHE B 79 8.46 25.47 -12.42
CA PHE B 79 9.01 25.32 -13.75
C PHE B 79 7.99 24.57 -14.60
N GLY B 80 7.17 25.33 -15.32
CA GLY B 80 6.19 24.79 -16.21
C GLY B 80 6.76 24.51 -17.58
N ASN B 81 6.00 23.78 -18.38
CA ASN B 81 6.46 23.31 -19.68
C ASN B 81 7.69 22.42 -19.59
N VAL B 82 7.78 21.64 -18.52
CA VAL B 82 8.84 20.68 -18.32
C VAL B 82 8.21 19.29 -18.15
N VAL B 83 8.41 18.44 -19.15
CA VAL B 83 7.79 17.16 -19.16
C VAL B 83 8.79 16.08 -18.70
N VAL B 84 8.58 15.54 -17.51
CA VAL B 84 9.47 14.51 -17.00
C VAL B 84 9.21 13.27 -17.81
N GLY B 85 10.30 12.66 -18.27
CA GLY B 85 10.28 11.59 -19.24
C GLY B 85 10.60 12.07 -20.66
N GLU B 86 10.57 13.38 -20.87
CA GLU B 86 10.88 13.97 -22.16
C GLU B 86 12.04 14.94 -22.06
N HIS B 87 11.92 16.04 -21.31
CA HIS B 87 12.98 17.03 -21.16
C HIS B 87 14.06 16.61 -20.21
N VAL B 88 13.64 15.91 -19.16
CA VAL B 88 14.54 15.37 -18.16
C VAL B 88 14.00 14.00 -17.78
N GLN B 89 14.88 13.10 -17.37
CA GLN B 89 14.48 11.74 -17.00
C GLN B 89 14.48 11.56 -15.50
N PRO B 90 13.66 10.64 -14.99
CA PRO B 90 13.66 10.37 -13.55
C PRO B 90 15.05 10.13 -12.95
N GLY B 91 15.90 9.37 -13.64
CA GLY B 91 17.21 9.06 -13.11
C GLY B 91 18.05 10.30 -12.92
N GLU B 92 17.87 11.27 -13.78
CA GLU B 92 18.55 12.54 -13.66
C GLU B 92 18.06 13.34 -12.47
N LEU B 93 16.74 13.42 -12.29
CA LEU B 93 16.21 14.13 -11.14
C LEU B 93 16.63 13.51 -9.82
N SER B 94 16.69 12.19 -9.78
CA SER B 94 17.01 11.51 -8.54
C SER B 94 18.46 11.76 -8.14
N GLU B 95 19.30 12.17 -9.09
CA GLU B 95 20.71 12.49 -8.80
C GLU B 95 20.90 13.96 -8.47
N ARG B 96 20.03 14.84 -8.96
CA ARG B 96 20.16 16.26 -8.77
C ARG B 96 19.36 16.84 -7.61
N TYR B 97 18.52 16.01 -7.00
CA TYR B 97 17.70 16.40 -5.86
C TYR B 97 17.90 15.36 -4.76
N ASP B 98 17.69 15.77 -3.51
CA ASP B 98 17.72 14.82 -2.43
C ASP B 98 16.58 13.81 -2.52
N ALA B 99 15.41 14.26 -2.96
CA ALA B 99 14.28 13.36 -3.16
C ALA B 99 13.41 13.96 -4.23
N VAL B 100 12.60 13.08 -4.83
CA VAL B 100 11.70 13.45 -5.91
C VAL B 100 10.34 12.89 -5.61
N ILE B 101 9.30 13.71 -5.70
CA ILE B 101 7.92 13.28 -5.48
C ILE B 101 7.20 13.34 -6.81
N TYR B 102 6.68 12.20 -7.25
CA TYR B 102 5.86 12.12 -8.44
C TYR B 102 4.40 12.30 -8.07
N ALA B 103 3.82 13.36 -8.62
CA ALA B 103 2.43 13.77 -8.37
C ALA B 103 1.73 13.99 -9.70
N VAL B 104 1.88 12.99 -10.58
CA VAL B 104 1.52 13.12 -11.99
C VAL B 104 0.08 12.79 -12.33
N GLY B 105 -0.68 12.36 -11.34
CA GLY B 105 -2.08 12.08 -11.58
C GLY B 105 -2.27 10.92 -12.53
N ALA B 106 -3.45 10.92 -13.12
CA ALA B 106 -3.89 9.86 -14.03
C ALA B 106 -4.21 10.55 -15.36
N GLN B 107 -3.30 10.43 -16.32
CA GLN B 107 -3.37 11.20 -17.53
C GLN B 107 -4.16 10.59 -18.69
N SER B 108 -4.56 9.34 -18.55
CA SER B 108 -5.32 8.64 -19.58
C SER B 108 -6.61 8.09 -19.03
N ASP B 109 -7.22 7.18 -19.78
CA ASP B 109 -8.56 6.66 -19.49
C ASP B 109 -8.61 5.16 -19.38
N ARG B 110 -9.58 4.67 -18.61
CA ARG B 110 -9.95 3.26 -18.67
C ARG B 110 -10.84 3.01 -19.87
N MET B 111 -10.61 1.88 -20.51
CA MET B 111 -11.40 1.46 -21.66
C MET B 111 -12.48 0.46 -21.26
N LEU B 112 -13.50 0.37 -22.11
CA LEU B 112 -14.58 -0.61 -21.95
C LEU B 112 -14.18 -2.00 -22.43
N ASN B 113 -13.28 -2.05 -23.39
CA ASN B 113 -12.86 -3.30 -24.03
C ASN B 113 -14.04 -4.01 -24.67
N ILE B 114 -14.75 -3.29 -25.52
CA ILE B 114 -15.85 -3.84 -26.31
C ILE B 114 -15.67 -3.52 -27.76
N PRO B 115 -16.26 -4.34 -28.65
CA PRO B 115 -16.15 -4.05 -30.08
C PRO B 115 -16.79 -2.71 -30.43
N GLY B 116 -16.13 -2.01 -31.33
CA GLY B 116 -16.59 -0.73 -31.83
C GLY B 116 -16.11 0.47 -31.01
N GLU B 117 -15.42 0.20 -29.92
CA GLU B 117 -14.96 1.28 -29.03
C GLU B 117 -14.06 2.31 -29.75
N ASP B 118 -13.37 1.89 -30.82
CA ASP B 118 -12.48 2.78 -31.54
C ASP B 118 -13.15 3.54 -32.69
N LEU B 119 -14.45 3.37 -32.87
CA LEU B 119 -15.12 4.12 -33.90
C LEU B 119 -15.11 5.61 -33.62
N PRO B 120 -14.95 6.43 -34.66
CA PRO B 120 -15.17 7.87 -34.53
C PRO B 120 -16.51 8.09 -33.85
N GLY B 121 -16.52 8.94 -32.83
CA GLY B 121 -17.73 9.16 -32.07
C GLY B 121 -17.76 8.43 -30.73
N SER B 122 -16.80 7.53 -30.51
CA SER B 122 -16.65 6.84 -29.24
C SER B 122 -15.36 7.34 -28.61
N ILE B 123 -15.52 8.05 -27.48
CA ILE B 123 -14.39 8.68 -26.82
C ILE B 123 -14.47 8.48 -25.33
N ALA B 124 -13.41 8.86 -24.63
CA ALA B 124 -13.38 8.79 -23.20
C ALA B 124 -13.71 10.15 -22.61
N ALA B 125 -14.25 10.14 -21.40
CA ALA B 125 -14.46 11.37 -20.69
C ALA B 125 -13.15 12.13 -20.52
N VAL B 126 -12.05 11.44 -20.31
CA VAL B 126 -10.77 12.13 -20.20
C VAL B 126 -10.60 13.07 -21.37
N ASP B 127 -10.83 12.57 -22.56
CA ASP B 127 -10.65 13.35 -23.78
C ASP B 127 -11.68 14.45 -23.92
N PHE B 128 -12.93 14.15 -23.58
CA PHE B 128 -13.99 15.13 -23.72
C PHE B 128 -13.81 16.29 -22.74
N VAL B 129 -13.51 15.95 -21.49
CA VAL B 129 -13.27 16.95 -20.43
C VAL B 129 -12.03 17.76 -20.77
N GLY B 130 -10.96 17.10 -21.18
CA GLY B 130 -9.78 17.83 -21.55
C GLY B 130 -10.05 18.84 -22.65
N TRP B 131 -10.83 18.40 -23.62
CA TRP B 131 -11.22 19.26 -24.72
C TRP B 131 -12.06 20.43 -24.23
N TYR B 132 -13.12 20.19 -23.48
CA TYR B 132 -13.97 21.31 -23.05
C TYR B 132 -13.31 22.23 -22.05
N ASN B 133 -12.27 21.74 -21.38
CA ASN B 133 -11.52 22.57 -20.46
C ASN B 133 -10.23 23.14 -21.02
N ALA B 134 -10.06 23.07 -22.35
CA ALA B 134 -8.92 23.70 -23.02
C ALA B 134 -7.57 23.17 -22.57
N HIS B 135 -7.52 21.89 -22.22
CA HIS B 135 -6.24 21.25 -21.97
C HIS B 135 -5.51 21.14 -23.31
N PRO B 136 -4.29 21.64 -23.42
CA PRO B 136 -3.60 21.64 -24.71
C PRO B 136 -3.51 20.29 -25.40
N HIS B 137 -3.40 19.20 -24.66
CA HIS B 137 -3.25 17.90 -25.28
C HIS B 137 -4.54 17.40 -25.94
N PHE B 138 -5.66 18.06 -25.70
CA PHE B 138 -6.98 17.62 -26.15
C PHE B 138 -7.66 18.63 -27.05
N GLU B 139 -6.90 19.59 -27.58
CA GLU B 139 -7.47 20.66 -28.39
C GLU B 139 -8.16 20.10 -29.63
N GLN B 140 -7.66 18.99 -30.16
CA GLN B 140 -8.19 18.45 -31.42
C GLN B 140 -9.16 17.30 -31.28
N VAL B 141 -9.65 17.05 -30.07
CA VAL B 141 -10.61 15.95 -29.91
C VAL B 141 -11.84 16.20 -30.79
N SER B 142 -12.32 17.44 -30.75
CA SER B 142 -13.32 17.95 -31.68
C SER B 142 -14.42 16.94 -32.01
N PRO B 143 -15.18 16.55 -31.01
CA PRO B 143 -16.24 15.56 -31.24
C PRO B 143 -17.37 16.19 -32.08
N ASP B 144 -18.05 15.35 -32.86
CA ASP B 144 -19.25 15.73 -33.56
C ASP B 144 -20.42 15.71 -32.58
N LEU B 145 -20.93 16.88 -32.29
CA LEU B 145 -22.01 17.05 -31.33
C LEU B 145 -23.33 17.37 -32.03
N SER B 146 -23.45 16.98 -33.29
CA SER B 146 -24.67 17.29 -34.05
C SER B 146 -25.79 16.28 -33.90
N GLY B 147 -25.52 15.08 -33.42
CA GLY B 147 -26.52 14.03 -33.36
C GLY B 147 -27.39 14.16 -32.14
N ALA B 148 -28.62 13.68 -32.24
CA ALA B 148 -29.58 13.88 -31.20
C ALA B 148 -29.26 13.15 -29.89
N ARG B 149 -28.65 11.97 -29.95
CA ARG B 149 -28.44 11.21 -28.72
C ARG B 149 -26.98 10.93 -28.44
N ALA B 150 -26.62 11.19 -27.20
CA ALA B 150 -25.32 10.83 -26.65
C ALA B 150 -25.54 9.83 -25.54
N VAL B 151 -24.62 8.89 -25.41
CA VAL B 151 -24.64 7.92 -24.37
C VAL B 151 -23.35 8.06 -23.57
N VAL B 152 -23.51 8.11 -22.26
CA VAL B 152 -22.40 8.22 -21.32
C VAL B 152 -22.40 6.96 -20.49
N ILE B 153 -21.27 6.25 -20.47
CA ILE B 153 -21.16 5.04 -19.65
C ILE B 153 -20.50 5.37 -18.32
N GLY B 154 -21.13 4.99 -17.21
CA GLY B 154 -20.55 5.14 -15.90
C GLY B 154 -21.48 5.86 -14.94
N ASN B 155 -21.24 5.65 -13.66
CA ASN B 155 -22.07 6.21 -12.60
C ASN B 155 -21.23 6.94 -11.55
N GLY B 156 -20.18 7.61 -12.02
CA GLY B 156 -19.44 8.51 -11.16
C GLY B 156 -19.75 9.96 -11.50
N ASN B 157 -19.18 10.87 -10.71
CA ASN B 157 -19.48 12.28 -10.93
C ASN B 157 -18.94 12.81 -12.24
N VAL B 158 -17.89 12.20 -12.81
CA VAL B 158 -17.44 12.68 -14.10
C VAL B 158 -18.51 12.44 -15.16
N ALA B 159 -19.26 11.35 -15.06
CA ALA B 159 -20.36 11.12 -15.98
C ALA B 159 -21.37 12.25 -15.92
N LEU B 160 -21.67 12.74 -14.71
CA LEU B 160 -22.55 13.88 -14.56
C LEU B 160 -21.97 15.12 -15.22
N ASP B 161 -20.68 15.38 -15.04
CA ASP B 161 -20.09 16.55 -15.65
C ASP B 161 -20.27 16.46 -17.17
N VAL B 162 -19.98 15.32 -17.77
CA VAL B 162 -20.12 15.16 -19.20
C VAL B 162 -21.55 15.47 -19.64
N ALA B 163 -22.51 14.90 -18.93
CA ALA B 163 -23.90 15.13 -19.29
C ALA B 163 -24.29 16.59 -19.14
N ARG B 164 -23.86 17.26 -18.08
CA ARG B 164 -24.21 18.66 -17.90
C ARG B 164 -23.62 19.50 -19.00
N ILE B 165 -22.39 19.25 -19.41
CA ILE B 165 -21.82 20.10 -20.45
C ILE B 165 -22.54 19.87 -21.78
N LEU B 166 -22.93 18.64 -22.06
CA LEU B 166 -23.66 18.35 -23.28
C LEU B 166 -25.05 18.96 -23.33
N LEU B 167 -25.67 19.20 -22.19
CA LEU B 167 -27.09 19.60 -22.18
C LEU B 167 -27.37 21.01 -21.68
N THR B 168 -26.43 21.64 -21.00
CA THR B 168 -26.64 22.97 -20.46
C THR B 168 -26.82 23.98 -21.57
N ASP B 169 -27.75 24.90 -21.40
CA ASP B 169 -27.91 26.01 -22.33
C ASP B 169 -26.55 26.64 -22.63
N PRO B 170 -26.14 26.69 -23.88
CA PRO B 170 -24.83 27.29 -24.19
C PRO B 170 -24.72 28.74 -23.77
N ASP B 171 -25.82 29.48 -23.65
CA ASP B 171 -25.69 30.85 -23.15
C ASP B 171 -25.26 30.87 -21.69
N VAL B 172 -25.60 29.84 -20.93
CA VAL B 172 -25.11 29.69 -19.56
C VAL B 172 -23.63 29.30 -19.58
N LEU B 173 -23.26 28.34 -20.41
CA LEU B 173 -21.87 27.97 -20.51
C LEU B 173 -20.97 29.09 -21.00
N ALA B 174 -21.54 30.01 -21.78
CA ALA B 174 -20.78 31.14 -22.30
C ALA B 174 -20.29 32.08 -21.22
N ARG B 175 -20.82 31.96 -20.00
CA ARG B 175 -20.36 32.76 -18.89
C ARG B 175 -19.27 32.09 -18.11
N THR B 176 -18.89 30.89 -18.49
CA THR B 176 -17.87 30.13 -17.78
C THR B 176 -16.55 30.19 -18.53
N ASP B 177 -15.53 29.56 -17.94
CA ASP B 177 -14.23 29.44 -18.57
C ASP B 177 -14.09 28.22 -19.48
N ILE B 178 -15.21 27.66 -19.91
CA ILE B 178 -15.19 26.61 -20.91
C ILE B 178 -14.37 27.05 -22.12
N ALA B 179 -13.72 26.09 -22.78
CA ALA B 179 -12.97 26.38 -23.98
C ALA B 179 -13.89 27.00 -25.05
N ASP B 180 -13.39 28.04 -25.71
CA ASP B 180 -14.13 28.63 -26.82
C ASP B 180 -14.45 27.60 -27.89
N HIS B 181 -13.52 26.72 -28.20
CA HIS B 181 -13.78 25.72 -29.24
C HIS B 181 -14.94 24.82 -28.86
N ALA B 182 -15.10 24.55 -27.57
CA ALA B 182 -16.20 23.70 -27.13
C ALA B 182 -17.51 24.48 -27.19
N LEU B 183 -17.50 25.73 -26.76
CA LEU B 183 -18.68 26.55 -26.85
C LEU B 183 -19.17 26.60 -28.29
N GLU B 184 -18.27 26.79 -29.25
CA GLU B 184 -18.63 26.84 -30.66
C GLU B 184 -19.36 25.56 -31.07
N SER B 185 -18.88 24.41 -30.63
CA SER B 185 -19.51 23.14 -30.99
C SER B 185 -20.82 22.87 -30.27
N LEU B 186 -20.99 23.47 -29.09
CA LEU B 186 -22.18 23.28 -28.29
C LEU B 186 -23.32 24.23 -28.66
N ARG B 187 -22.99 25.36 -29.26
CA ARG B 187 -24.03 26.35 -29.58
C ARG B 187 -25.20 25.84 -30.43
N PRO B 188 -24.97 24.98 -31.41
CA PRO B 188 -26.10 24.44 -32.20
C PRO B 188 -27.12 23.59 -31.42
N ARG B 189 -26.75 23.12 -30.24
CA ARG B 189 -27.64 22.35 -29.35
C ARG B 189 -28.12 21.08 -30.01
N GLY B 190 -27.21 20.40 -30.68
CA GLY B 190 -27.54 19.20 -31.42
C GLY B 190 -27.99 18.05 -30.54
N ILE B 191 -27.38 17.89 -29.38
CA ILE B 191 -27.77 16.79 -28.51
C ILE B 191 -29.06 17.12 -27.78
N GLN B 192 -30.03 16.24 -27.93
CA GLN B 192 -31.32 16.40 -27.29
C GLN B 192 -31.51 15.47 -26.10
N GLU B 193 -30.72 14.40 -26.07
CA GLU B 193 -30.84 13.42 -25.01
C GLU B 193 -29.46 12.85 -24.71
N VAL B 194 -29.16 12.77 -23.42
CA VAL B 194 -28.01 12.03 -22.94
C VAL B 194 -28.52 10.90 -22.10
N VAL B 195 -28.11 9.67 -22.39
CA VAL B 195 -28.45 8.51 -21.59
C VAL B 195 -27.21 8.13 -20.78
N ILE B 196 -27.32 8.17 -19.46
CA ILE B 196 -26.24 7.80 -18.53
C ILE B 196 -26.51 6.35 -18.11
N VAL B 197 -25.56 5.50 -18.43
CA VAL B 197 -25.72 4.06 -18.32
C VAL B 197 -24.82 3.47 -17.24
N GLY B 198 -25.44 2.97 -16.18
CA GLY B 198 -24.73 2.41 -15.05
C GLY B 198 -24.87 0.91 -15.04
N ARG B 199 -23.76 0.21 -14.83
CA ARG B 199 -23.76 -1.25 -14.84
C ARG B 199 -24.39 -1.87 -13.60
N ARG B 200 -24.18 -1.26 -12.44
CA ARG B 200 -24.83 -1.72 -11.23
C ARG B 200 -26.05 -0.83 -11.00
N GLY B 201 -26.56 -0.82 -9.78
CA GLY B 201 -27.80 -0.08 -9.50
C GLY B 201 -27.63 1.20 -8.73
N PRO B 202 -28.74 1.86 -8.41
CA PRO B 202 -28.67 3.12 -7.67
C PRO B 202 -27.93 3.03 -6.34
N LEU B 203 -28.05 1.91 -5.63
CA LEU B 203 -27.37 1.78 -4.36
C LEU B 203 -25.85 1.73 -4.50
N GLN B 204 -25.40 1.33 -5.69
CA GLN B 204 -23.97 1.20 -5.96
C GLN B 204 -23.39 2.41 -6.69
N ALA B 205 -24.20 3.40 -6.97
CA ALA B 205 -23.69 4.56 -7.73
C ALA B 205 -22.60 5.26 -6.96
N ALA B 206 -21.65 5.80 -7.72
CA ALA B 206 -20.56 6.58 -7.14
C ALA B 206 -20.83 8.09 -7.11
N PHE B 207 -22.02 8.50 -7.55
CA PHE B 207 -22.41 9.89 -7.51
C PHE B 207 -22.47 10.41 -6.07
N THR B 208 -22.30 11.71 -5.90
CA THR B 208 -22.56 12.35 -4.63
C THR B 208 -23.79 13.27 -4.75
N THR B 209 -24.30 13.73 -3.62
CA THR B 209 -25.67 14.20 -3.60
C THR B 209 -25.89 15.59 -4.19
N LEU B 210 -25.05 16.55 -3.84
CA LEU B 210 -25.17 17.87 -4.42
C LEU B 210 -25.15 17.74 -5.94
N GLU B 211 -24.25 16.90 -6.45
CA GLU B 211 -24.07 16.74 -7.86
C GLU B 211 -25.31 16.17 -8.52
N LEU B 212 -26.07 15.34 -7.81
CA LEU B 212 -27.34 14.92 -8.35
C LEU B 212 -28.39 16.02 -8.24
N ARG B 213 -28.40 16.77 -7.14
CA ARG B 213 -29.39 17.83 -6.96
C ARG B 213 -29.28 18.93 -7.98
N GLU B 214 -28.06 19.27 -8.37
CA GLU B 214 -27.86 20.39 -9.23
C GLU B 214 -28.27 20.12 -10.68
N LEU B 215 -28.50 18.86 -11.01
CA LEU B 215 -28.97 18.52 -12.35
C LEU B 215 -30.30 19.17 -12.65
N ALA B 216 -31.13 19.34 -11.64
CA ALA B 216 -32.46 19.94 -11.80
C ALA B 216 -32.42 21.43 -12.10
N ASP B 217 -31.27 22.06 -11.94
CA ASP B 217 -31.17 23.50 -12.15
C ASP B 217 -30.86 23.86 -13.59
N LEU B 218 -30.72 22.85 -14.46
CA LEU B 218 -30.46 23.12 -15.87
C LEU B 218 -31.75 23.48 -16.57
N ASP B 219 -31.85 24.73 -16.97
CA ASP B 219 -33.05 25.19 -17.67
C ASP B 219 -33.13 24.44 -19.00
N GLY B 220 -34.34 24.06 -19.35
CA GLY B 220 -34.60 23.38 -20.58
C GLY B 220 -34.27 21.92 -20.60
N VAL B 221 -33.92 21.37 -19.45
CA VAL B 221 -33.57 19.97 -19.32
C VAL B 221 -34.40 19.28 -18.28
N ASP B 222 -34.86 18.07 -18.58
CA ASP B 222 -35.53 17.19 -17.64
C ASP B 222 -34.61 16.02 -17.30
N VAL B 223 -34.55 15.69 -16.03
CA VAL B 223 -33.90 14.50 -15.56
C VAL B 223 -34.95 13.41 -15.58
N VAL B 224 -34.68 12.33 -16.29
CA VAL B 224 -35.63 11.26 -16.52
C VAL B 224 -35.14 9.96 -15.94
N ILE B 225 -35.92 9.42 -15.01
CA ILE B 225 -35.63 8.14 -14.44
C ILE B 225 -36.94 7.38 -14.32
N ASP B 226 -36.97 6.22 -14.96
CA ASP B 226 -38.12 5.35 -14.84
C ASP B 226 -38.24 4.89 -13.39
N PRO B 227 -39.42 5.00 -12.79
CA PRO B 227 -39.58 4.56 -11.41
C PRO B 227 -39.15 3.11 -11.16
N ALA B 228 -39.20 2.28 -12.20
CA ALA B 228 -38.78 0.88 -12.08
C ALA B 228 -37.29 0.78 -11.74
N GLU B 229 -36.52 1.80 -12.07
CA GLU B 229 -35.09 1.78 -11.74
C GLU B 229 -34.89 1.74 -10.23
N LEU B 230 -35.90 2.11 -9.47
CA LEU B 230 -35.76 2.14 -8.03
C LEU B 230 -36.53 1.02 -7.33
N ASP B 231 -37.10 0.08 -8.07
CA ASP B 231 -37.84 -0.95 -7.33
C ASP B 231 -36.91 -1.98 -6.70
N GLY B 232 -37.33 -2.49 -5.55
CA GLY B 232 -36.51 -3.39 -4.77
C GLY B 232 -35.56 -2.61 -3.87
N ILE B 233 -35.69 -1.27 -3.89
CA ILE B 233 -34.84 -0.43 -3.04
C ILE B 233 -35.65 0.36 -2.02
N THR B 234 -35.44 0.07 -0.75
CA THR B 234 -36.12 0.77 0.32
C THR B 234 -35.20 1.81 0.93
N ASP B 235 -35.78 2.68 1.76
CA ASP B 235 -35.00 3.68 2.45
C ASP B 235 -34.05 3.00 3.42
N GLU B 236 -34.48 1.86 3.95
CA GLU B 236 -33.64 1.08 4.85
C GLU B 236 -32.42 0.54 4.11
N ASP B 237 -32.64 0.04 2.90
CA ASP B 237 -31.56 -0.46 2.05
C ASP B 237 -30.53 0.65 1.77
N ALA B 238 -31.01 1.84 1.47
CA ALA B 238 -30.14 2.97 1.15
C ALA B 238 -29.36 3.40 2.39
N ALA B 239 -30.04 3.51 3.53
CA ALA B 239 -29.35 3.92 4.75
C ALA B 239 -28.28 2.90 5.17
N ALA B 240 -28.48 1.63 4.82
CA ALA B 240 -27.51 0.58 5.16
C ALA B 240 -26.21 0.72 4.40
N VAL B 241 -26.27 1.34 3.23
CA VAL B 241 -25.08 1.60 2.44
C VAL B 241 -24.33 2.76 3.07
N GLY B 242 -25.04 3.83 3.40
CA GLY B 242 -24.41 4.97 4.02
C GLY B 242 -25.23 6.22 3.87
N LYS B 243 -24.74 7.30 4.45
CA LYS B 243 -25.46 8.54 4.49
C LYS B 243 -25.59 9.18 3.11
N VAL B 244 -24.52 9.12 2.33
CA VAL B 244 -24.58 9.71 0.99
C VAL B 244 -25.59 8.94 0.16
N CYS B 245 -25.55 7.63 0.23
CA CYS B 245 -26.50 6.80 -0.51
C CYS B 245 -27.95 7.13 -0.14
N LYS B 246 -28.22 7.23 1.16
CA LYS B 246 -29.54 7.59 1.62
C LYS B 246 -30.04 8.88 0.96
N GLN B 247 -29.19 9.90 0.93
CA GLN B 247 -29.57 11.16 0.35
C GLN B 247 -29.69 11.06 -1.16
N ASN B 248 -28.79 10.31 -1.77
CA ASN B 248 -28.85 10.09 -3.22
C ASN B 248 -30.18 9.45 -3.64
N ILE B 249 -30.60 8.42 -2.92
CA ILE B 249 -31.81 7.72 -3.29
C ILE B 249 -33.02 8.65 -3.17
N LYS B 250 -33.04 9.50 -2.16
CA LYS B 250 -34.14 10.46 -2.03
C LYS B 250 -34.17 11.38 -3.24
N VAL B 251 -33.01 11.84 -3.70
CA VAL B 251 -32.96 12.72 -4.86
C VAL B 251 -33.43 11.97 -6.10
N LEU B 252 -32.96 10.74 -6.28
CA LEU B 252 -33.36 9.97 -7.45
C LEU B 252 -34.86 9.66 -7.44
N ARG B 253 -35.41 9.35 -6.27
CA ARG B 253 -36.87 9.15 -6.14
C ARG B 253 -37.62 10.39 -6.57
N GLY B 254 -37.11 11.57 -6.17
CA GLY B 254 -37.70 12.82 -6.56
C GLY B 254 -37.75 12.91 -8.06
N TYR B 255 -36.65 12.62 -8.74
CA TYR B 255 -36.63 12.72 -10.19
C TYR B 255 -37.55 11.71 -10.85
N ALA B 256 -37.60 10.50 -10.28
CA ALA B 256 -38.44 9.44 -10.83
C ALA B 256 -39.92 9.76 -10.70
N ASP B 257 -40.27 10.65 -9.77
CA ASP B 257 -41.66 11.06 -9.59
C ASP B 257 -42.11 12.16 -10.54
N ARG B 258 -41.21 12.73 -11.32
CA ARG B 258 -41.51 13.87 -12.15
C ARG B 258 -41.82 13.46 -13.58
N GLU B 259 -42.90 13.99 -14.13
CA GLU B 259 -43.26 13.68 -15.51
C GLU B 259 -42.44 14.57 -16.42
N PRO B 260 -41.79 13.97 -17.41
CA PRO B 260 -41.01 14.76 -18.35
C PRO B 260 -41.87 15.66 -19.15
N ARG B 261 -41.32 16.77 -19.60
CA ARG B 261 -42.03 17.67 -20.46
C ARG B 261 -41.48 17.47 -21.88
N PRO B 262 -42.24 16.83 -22.76
CA PRO B 262 -41.77 16.61 -24.15
C PRO B 262 -40.96 17.74 -24.87
N GLY B 263 -41.08 19.05 -24.56
CA GLY B 263 -40.26 20.12 -25.20
C GLY B 263 -38.85 20.43 -24.57
N HIS B 264 -38.47 19.60 -23.64
CA HIS B 264 -37.19 19.77 -22.94
C HIS B 264 -36.20 18.71 -23.39
N ARG B 265 -34.92 19.05 -23.28
CA ARG B 265 -33.87 18.07 -23.53
C ARG B 265 -33.91 17.08 -22.36
N ARG B 266 -33.32 15.91 -22.54
CA ARG B 266 -33.47 14.84 -21.58
C ARG B 266 -32.13 14.31 -21.08
N MET B 267 -32.02 14.18 -19.77
CA MET B 267 -30.89 13.50 -19.14
C MET B 267 -31.46 12.25 -18.49
N VAL B 268 -31.24 11.12 -19.13
CA VAL B 268 -31.90 9.87 -18.76
C VAL B 268 -30.92 8.97 -17.99
N PHE B 269 -31.35 8.43 -16.86
CA PHE B 269 -30.54 7.48 -16.11
C PHE B 269 -31.06 6.07 -16.29
N ARG B 270 -30.20 5.19 -16.77
CA ARG B 270 -30.47 3.76 -16.92
C ARG B 270 -29.47 3.03 -16.01
N PHE B 271 -29.97 2.20 -15.12
CA PHE B 271 -29.13 1.38 -14.27
C PHE B 271 -29.18 -0.07 -14.70
N LEU B 272 -28.34 -0.90 -14.10
CA LEU B 272 -28.29 -2.32 -14.41
C LEU B 272 -28.16 -2.58 -15.90
N THR B 273 -27.30 -1.80 -16.54
CA THR B 273 -27.12 -1.86 -17.98
C THR B 273 -25.66 -1.69 -18.32
N SER B 274 -25.19 -2.53 -19.23
CA SER B 274 -23.80 -2.45 -19.72
C SER B 274 -23.75 -2.28 -21.22
N PRO B 275 -22.76 -1.55 -21.72
CA PRO B 275 -22.54 -1.50 -23.16
C PRO B 275 -21.89 -2.80 -23.63
N ILE B 276 -22.46 -3.40 -24.65
CA ILE B 276 -21.96 -4.66 -25.18
C ILE B 276 -21.14 -4.46 -26.44
N GLU B 277 -21.59 -3.57 -27.31
CA GLU B 277 -20.92 -3.32 -28.57
C GLU B 277 -21.34 -1.97 -29.13
N ILE B 278 -20.43 -1.28 -29.79
CA ILE B 278 -20.77 -0.01 -30.42
C ILE B 278 -20.71 -0.29 -31.93
N LYS B 279 -21.75 0.12 -32.65
CA LYS B 279 -21.88 -0.25 -34.06
C LYS B 279 -22.00 0.97 -34.95
N GLY B 280 -21.56 0.78 -36.19
CA GLY B 280 -21.66 1.82 -37.18
C GLY B 280 -20.67 1.62 -38.31
N LYS B 281 -21.02 2.20 -39.46
CA LYS B 281 -20.14 2.19 -40.61
C LYS B 281 -19.44 3.54 -40.61
N ARG B 282 -18.15 3.50 -40.33
CA ARG B 282 -17.34 4.69 -40.34
C ARG B 282 -17.42 5.55 -39.07
N LYS B 283 -18.53 5.49 -38.32
CA LYS B 283 -18.69 6.26 -37.09
C LYS B 283 -19.78 5.63 -36.24
N VAL B 284 -19.89 6.05 -34.98
CA VAL B 284 -20.92 5.52 -34.11
C VAL B 284 -22.31 5.82 -34.64
N GLU B 285 -23.13 4.78 -34.73
CA GLU B 285 -24.52 4.92 -35.14
C GLU B 285 -25.49 4.31 -34.13
N ARG B 286 -25.06 3.31 -33.39
CA ARG B 286 -25.91 2.68 -32.41
C ARG B 286 -25.07 1.97 -31.39
N ILE B 287 -25.68 1.69 -30.24
CA ILE B 287 -25.02 0.96 -29.20
C ILE B 287 -25.93 -0.18 -28.73
N VAL B 288 -25.31 -1.33 -28.52
CA VAL B 288 -26.01 -2.50 -27.99
C VAL B 288 -25.80 -2.47 -26.49
N LEU B 289 -26.90 -2.51 -25.76
CA LEU B 289 -26.95 -2.53 -24.30
C LEU B 289 -27.45 -3.87 -23.77
N GLY B 290 -26.87 -4.32 -22.66
CA GLY B 290 -27.22 -5.56 -22.01
C GLY B 290 -27.76 -5.27 -20.62
N ARG B 291 -28.73 -6.05 -20.18
CA ARG B 291 -29.28 -5.92 -18.85
C ARG B 291 -28.48 -6.77 -17.89
N ASN B 292 -28.24 -6.24 -16.70
CA ASN B 292 -27.54 -6.95 -15.65
C ASN B 292 -28.46 -7.21 -14.48
N GLU B 293 -28.08 -8.20 -13.68
CA GLU B 293 -28.66 -8.41 -12.36
C GLU B 293 -27.53 -8.29 -11.34
N LEU B 294 -27.87 -7.96 -10.11
CA LEU B 294 -26.91 -7.84 -9.00
C LEU B 294 -26.79 -9.18 -8.28
N VAL B 295 -25.56 -9.60 -8.07
CA VAL B 295 -25.27 -10.87 -7.41
CA VAL B 295 -25.27 -10.87 -7.40
CA VAL B 295 -25.27 -10.87 -7.40
C VAL B 295 -24.08 -10.71 -6.48
N SER B 296 -24.14 -11.38 -5.34
CA SER B 296 -23.01 -11.36 -4.42
C SER B 296 -21.85 -12.10 -5.04
N ASP B 297 -20.65 -11.50 -5.01
CA ASP B 297 -19.50 -12.19 -5.60
C ASP B 297 -18.62 -12.92 -4.57
N GLY B 298 -18.95 -12.76 -3.30
CA GLY B 298 -18.16 -13.37 -2.23
C GLY B 298 -17.13 -12.44 -1.63
N SER B 299 -16.99 -11.25 -2.19
CA SER B 299 -16.02 -10.27 -1.68
C SER B 299 -16.61 -9.31 -0.66
N GLY B 300 -17.92 -9.37 -0.48
CA GLY B 300 -18.64 -8.50 0.43
C GLY B 300 -19.44 -7.44 -0.30
N ARG B 301 -19.52 -7.58 -1.60
CA ARG B 301 -20.24 -6.61 -2.39
C ARG B 301 -21.12 -7.29 -3.40
N VAL B 302 -21.91 -6.48 -4.11
CA VAL B 302 -22.63 -7.05 -5.21
C VAL B 302 -21.97 -6.59 -6.50
N ALA B 303 -22.01 -7.49 -7.44
CA ALA B 303 -21.47 -7.30 -8.75
C ALA B 303 -22.58 -7.40 -9.76
N ALA B 304 -22.36 -6.80 -10.92
CA ALA B 304 -23.29 -6.92 -12.03
C ALA B 304 -22.99 -8.21 -12.80
N LYS B 305 -24.05 -8.94 -13.12
CA LYS B 305 -23.96 -10.17 -13.93
C LYS B 305 -24.90 -10.02 -15.13
N ASP B 306 -24.35 -10.23 -16.31
CA ASP B 306 -25.11 -10.13 -17.57
C ASP B 306 -26.24 -11.16 -17.59
N THR B 307 -27.44 -10.70 -17.94
CA THR B 307 -28.61 -11.61 -18.08
C THR B 307 -28.68 -12.17 -19.47
N GLY B 308 -27.96 -11.58 -20.41
CA GLY B 308 -28.03 -11.98 -21.81
C GLY B 308 -29.03 -11.19 -22.65
N GLU B 309 -29.92 -10.44 -22.00
CA GLU B 309 -30.87 -9.61 -22.73
C GLU B 309 -30.14 -8.47 -23.43
N ARG B 310 -30.61 -8.13 -24.62
CA ARG B 310 -29.99 -7.11 -25.44
C ARG B 310 -31.01 -6.13 -25.98
N GLU B 311 -30.57 -4.91 -26.18
CA GLU B 311 -31.37 -3.89 -26.84
C GLU B 311 -30.39 -3.05 -27.62
N GLU B 312 -30.85 -2.45 -28.69
CA GLU B 312 -30.01 -1.60 -29.51
C GLU B 312 -30.61 -0.21 -29.44
N LEU B 313 -29.75 0.77 -29.19
CA LEU B 313 -30.15 2.15 -29.02
C LEU B 313 -29.40 3.01 -30.03
N PRO B 314 -30.10 3.70 -30.93
CA PRO B 314 -29.43 4.62 -31.85
C PRO B 314 -28.69 5.71 -31.04
N ALA B 315 -27.48 6.06 -31.47
CA ALA B 315 -26.68 7.05 -30.75
C ALA B 315 -25.57 7.52 -31.64
N GLN B 316 -25.14 8.76 -31.47
CA GLN B 316 -24.11 9.31 -32.35
C GLN B 316 -22.84 9.74 -31.61
N LEU B 317 -22.87 9.66 -30.30
CA LEU B 317 -21.71 9.95 -29.46
C LEU B 317 -21.78 9.01 -28.29
N VAL B 318 -20.67 8.34 -27.99
CA VAL B 318 -20.55 7.52 -26.79
C VAL B 318 -19.33 8.02 -26.04
N VAL B 319 -19.55 8.44 -24.79
CA VAL B 319 -18.48 8.90 -23.92
C VAL B 319 -18.37 7.90 -22.77
N ARG B 320 -17.24 7.21 -22.70
CA ARG B 320 -17.01 6.30 -21.58
C ARG B 320 -16.44 7.09 -20.41
N SER B 321 -17.15 7.06 -19.29
CA SER B 321 -16.70 7.71 -18.05
C SER B 321 -16.56 6.61 -17.00
N VAL B 322 -15.64 5.71 -17.27
CA VAL B 322 -15.44 4.51 -16.44
C VAL B 322 -14.11 4.59 -15.70
N GLY B 323 -13.63 5.81 -15.51
CA GLY B 323 -12.45 6.07 -14.73
C GLY B 323 -11.32 6.61 -15.54
N TYR B 324 -10.52 7.47 -14.89
CA TYR B 324 -9.24 7.89 -15.42
C TYR B 324 -8.25 6.73 -15.16
N ARG B 325 -7.03 6.88 -15.69
CA ARG B 325 -6.03 5.83 -15.59
C ARG B 325 -4.64 6.44 -15.72
N GLY B 326 -3.72 5.97 -14.89
CA GLY B 326 -2.36 6.41 -14.97
C GLY B 326 -1.65 5.92 -16.20
N VAL B 327 -0.58 6.62 -16.55
CA VAL B 327 0.27 6.25 -17.66
C VAL B 327 1.69 6.05 -17.16
N PRO B 328 2.43 5.11 -17.73
CA PRO B 328 3.79 4.89 -17.26
C PRO B 328 4.69 6.09 -17.55
N THR B 329 5.61 6.34 -16.63
CA THR B 329 6.65 7.34 -16.82
C THR B 329 7.93 6.58 -17.14
N PRO B 330 8.59 6.94 -18.24
CA PRO B 330 9.87 6.31 -18.58
C PRO B 330 10.82 6.30 -17.37
N GLY B 331 11.42 5.17 -17.06
CA GLY B 331 12.36 5.10 -15.98
C GLY B 331 11.82 4.80 -14.61
N LEU B 332 10.49 4.68 -14.49
CA LEU B 332 9.87 4.33 -13.20
C LEU B 332 9.05 3.08 -13.36
N PRO B 333 8.87 2.32 -12.29
CA PRO B 333 8.01 1.14 -12.38
C PRO B 333 6.56 1.54 -12.53
N PHE B 334 5.75 0.59 -12.96
CA PHE B 334 4.35 0.84 -13.24
C PHE B 334 3.57 -0.46 -13.06
N ASP B 335 2.37 -0.36 -12.54
CA ASP B 335 1.45 -1.52 -12.42
CA ASP B 335 1.48 -1.48 -12.46
C ASP B 335 0.40 -1.34 -13.50
N ASP B 336 0.49 -2.14 -14.56
CA ASP B 336 -0.44 -2.03 -15.67
C ASP B 336 -1.87 -2.30 -15.26
N GLN B 337 -2.09 -3.14 -14.27
CA GLN B 337 -3.45 -3.45 -13.88
C GLN B 337 -4.20 -2.27 -13.29
N SER B 338 -3.57 -1.58 -12.34
CA SER B 338 -4.21 -0.47 -11.63
C SER B 338 -3.86 0.89 -12.20
N GLY B 339 -2.87 0.96 -13.07
CA GLY B 339 -2.43 2.26 -13.55
C GLY B 339 -1.80 3.13 -12.50
N THR B 340 -1.12 2.52 -11.54
CA THR B 340 -0.46 3.24 -10.46
C THR B 340 1.01 2.85 -10.44
N ILE B 341 1.81 3.66 -9.75
CA ILE B 341 3.20 3.34 -9.56
C ILE B 341 3.36 2.52 -8.28
N PRO B 342 4.00 1.35 -8.38
CA PRO B 342 4.22 0.49 -7.23
C PRO B 342 5.02 1.25 -6.16
N ASN B 343 4.59 1.12 -4.94
CA ASN B 343 5.20 1.88 -3.83
C ASN B 343 4.99 1.17 -2.52
N VAL B 344 5.84 1.52 -1.55
CA VAL B 344 5.73 1.01 -0.20
C VAL B 344 5.59 2.25 0.66
N GLY B 345 4.39 2.49 1.18
CA GLY B 345 4.16 3.67 1.97
C GLY B 345 4.42 4.99 1.24
N GLY B 346 4.22 5.01 -0.07
CA GLY B 346 4.49 6.22 -0.86
C GLY B 346 5.88 6.29 -1.45
N ARG B 347 6.81 5.47 -0.99
CA ARG B 347 8.15 5.41 -1.60
C ARG B 347 8.11 4.46 -2.77
N ILE B 348 8.55 4.91 -3.93
CA ILE B 348 8.51 4.03 -5.10
C ILE B 348 9.30 2.75 -4.89
N ASN B 349 8.74 1.64 -5.33
CA ASN B 349 9.37 0.35 -5.18
C ASN B 349 10.77 0.39 -5.71
N GLY B 350 11.72 -0.09 -4.91
CA GLY B 350 13.08 -0.18 -5.34
C GLY B 350 13.88 1.09 -5.26
N SER B 351 13.28 2.19 -4.84
CA SER B 351 13.95 3.49 -4.85
C SER B 351 14.21 3.97 -3.45
N PRO B 352 15.38 4.58 -3.22
CA PRO B 352 15.66 5.17 -1.91
C PRO B 352 15.16 6.59 -1.76
N ASN B 353 14.77 7.27 -2.84
CA ASN B 353 14.49 8.69 -2.71
C ASN B 353 13.47 9.23 -3.66
N GLU B 354 12.66 8.35 -4.24
CA GLU B 354 11.57 8.75 -5.13
C GLU B 354 10.26 8.28 -4.51
N TYR B 355 9.24 9.12 -4.59
CA TYR B 355 7.98 8.95 -3.89
C TYR B 355 6.84 9.24 -4.85
N VAL B 356 5.64 8.87 -4.45
CA VAL B 356 4.42 9.16 -5.19
C VAL B 356 3.35 9.66 -4.25
N VAL B 357 2.54 10.59 -4.75
CA VAL B 357 1.37 11.10 -4.05
C VAL B 357 0.23 11.27 -5.05
N GLY B 358 -0.98 11.43 -4.53
CA GLY B 358 -2.14 11.69 -5.36
C GLY B 358 -2.60 10.46 -6.11
N TRP B 359 -3.32 10.73 -7.18
CA TRP B 359 -3.94 9.67 -7.97
C TRP B 359 -2.96 8.67 -8.58
N ILE B 360 -1.72 9.05 -8.85
CA ILE B 360 -0.78 8.07 -9.38
C ILE B 360 -0.41 7.01 -8.34
N LYS B 361 -0.58 7.36 -7.06
CA LYS B 361 -0.35 6.44 -5.96
C LYS B 361 -1.64 5.73 -5.56
N ARG B 362 -2.70 6.51 -5.37
CA ARG B 362 -3.94 6.06 -4.76
C ARG B 362 -4.93 5.45 -5.71
N GLY B 363 -4.74 5.67 -6.99
CA GLY B 363 -5.77 5.41 -7.96
C GLY B 363 -6.65 6.63 -8.12
N PRO B 364 -7.44 6.65 -9.18
CA PRO B 364 -8.13 7.87 -9.60
C PRO B 364 -9.47 8.09 -8.94
N THR B 365 -9.46 8.21 -7.62
CA THR B 365 -10.68 8.48 -6.91
C THR B 365 -10.42 9.48 -5.79
N GLY B 366 -11.48 10.21 -5.51
CA GLY B 366 -11.52 11.15 -4.44
C GLY B 366 -11.53 12.61 -4.88
N VAL B 367 -12.26 13.42 -4.12
CA VAL B 367 -12.26 14.84 -4.28
C VAL B 367 -10.88 15.43 -3.93
N ILE B 368 -10.70 16.69 -4.25
CA ILE B 368 -9.42 17.33 -4.10
C ILE B 368 -8.80 17.07 -2.74
N GLY B 369 -9.60 17.25 -1.71
CA GLY B 369 -9.07 17.16 -0.37
C GLY B 369 -8.64 15.80 0.09
N THR B 370 -9.08 14.76 -0.61
CA THR B 370 -8.67 13.41 -0.24
C THR B 370 -7.20 13.17 -0.48
N ASN B 371 -6.54 14.07 -1.22
CA ASN B 371 -5.12 13.93 -1.50
C ASN B 371 -4.22 14.45 -0.39
N LYS B 372 -4.78 15.20 0.54
CA LYS B 372 -3.98 15.93 1.52
C LYS B 372 -3.31 15.05 2.56
N LYS B 373 -4.08 14.23 3.26
CA LYS B 373 -3.48 13.43 4.30
C LYS B 373 -2.49 12.43 3.73
N ASP B 374 -2.82 11.81 2.62
CA ASP B 374 -1.91 10.85 2.06
C ASP B 374 -0.60 11.55 1.62
N ALA B 375 -0.66 12.77 1.07
CA ALA B 375 0.55 13.50 0.74
C ALA B 375 1.37 13.80 2.00
N GLN B 376 0.69 14.20 3.06
CA GLN B 376 1.38 14.47 4.33
C GLN B 376 2.10 13.23 4.83
N ASP B 377 1.43 12.10 4.76
CA ASP B 377 2.02 10.88 5.27
C ASP B 377 3.26 10.49 4.47
N THR B 378 3.19 10.64 3.15
CA THR B 378 4.35 10.36 2.31
C THR B 378 5.48 11.31 2.56
N VAL B 379 5.17 12.59 2.75
CA VAL B 379 6.21 13.57 3.08
C VAL B 379 6.86 13.22 4.43
N ASP B 380 6.07 12.79 5.40
CA ASP B 380 6.67 12.38 6.68
C ASP B 380 7.70 11.28 6.45
N THR B 381 7.33 10.29 5.66
CA THR B 381 8.26 9.20 5.35
C THR B 381 9.51 9.68 4.62
N LEU B 382 9.30 10.54 3.63
CA LEU B 382 10.42 11.12 2.90
C LEU B 382 11.39 11.82 3.85
N ILE B 383 10.85 12.64 4.73
CA ILE B 383 11.68 13.40 5.67
CA ILE B 383 11.69 13.41 5.67
C ILE B 383 12.41 12.49 6.65
N LYS B 384 11.74 11.45 7.12
CA LYS B 384 12.38 10.47 7.98
C LYS B 384 13.56 9.84 7.25
N ASN B 385 13.35 9.45 6.01
CA ASN B 385 14.42 8.83 5.24
C ASN B 385 15.61 9.77 5.02
N LEU B 386 15.34 11.04 4.74
CA LEU B 386 16.44 11.99 4.60
C LEU B 386 17.22 12.10 5.91
N GLY B 387 16.49 12.16 7.02
CA GLY B 387 17.16 12.27 8.32
C GLY B 387 18.05 11.08 8.61
N ASN B 388 17.60 9.89 8.24
CA ASN B 388 18.38 8.69 8.44
C ASN B 388 19.63 8.76 7.59
N ALA B 389 19.49 9.24 6.35
CA ALA B 389 20.64 9.38 5.48
C ALA B 389 21.62 10.38 6.05
N LYS B 390 21.13 11.50 6.57
CA LYS B 390 21.99 12.51 7.15
C LYS B 390 22.76 11.95 8.33
N GLU B 391 22.07 11.22 9.19
CA GLU B 391 22.73 10.66 10.37
C GLU B 391 23.78 9.65 9.96
N GLY B 392 23.57 8.95 8.86
CA GLY B 392 24.50 7.99 8.33
C GLY B 392 25.58 8.59 7.42
N ALA B 393 25.59 9.91 7.27
CA ALA B 393 26.53 10.60 6.38
C ALA B 393 26.43 10.09 4.95
N GLU B 394 25.19 9.86 4.50
CA GLU B 394 24.92 9.33 3.18
C GLU B 394 24.20 10.31 2.27
N CYS B 395 24.08 11.56 2.67
CA CYS B 395 23.42 12.52 1.78
C CYS B 395 24.36 12.93 0.65
N LYS B 396 23.76 13.33 -0.45
CA LYS B 396 24.51 13.79 -1.60
C LYS B 396 25.27 15.06 -1.23
N SER B 397 26.45 15.23 -1.81
CA SER B 397 27.15 16.45 -1.62
C SER B 397 26.68 17.34 -2.76
N PHE B 398 26.08 18.47 -2.41
CA PHE B 398 25.70 19.47 -3.41
C PHE B 398 26.45 20.77 -3.05
N PRO B 399 26.88 21.54 -4.06
CA PRO B 399 27.57 22.81 -3.81
C PRO B 399 26.65 23.85 -3.23
N ASP B 401 25.89 26.63 -4.47
CA ASP B 401 25.02 27.32 -5.45
C ASP B 401 24.13 26.35 -6.24
N HIS B 402 23.84 25.20 -5.64
CA HIS B 402 23.11 24.16 -6.33
C HIS B 402 21.76 24.62 -6.89
N ALA B 403 21.04 25.46 -6.15
CA ALA B 403 19.73 25.88 -6.62
C ALA B 403 19.83 26.58 -7.97
N ASP B 404 20.82 27.44 -8.11
CA ASP B 404 21.01 28.14 -9.37
C ASP B 404 21.41 27.18 -10.47
N GLN B 405 22.28 26.24 -10.12
CA GLN B 405 22.76 25.32 -11.12
C GLN B 405 21.68 24.37 -11.62
N VAL B 406 20.82 23.86 -10.75
CA VAL B 406 19.79 22.95 -11.22
CA VAL B 406 19.79 22.95 -11.21
CA VAL B 406 19.80 22.95 -11.21
C VAL B 406 18.79 23.71 -12.09
N ALA B 407 18.53 24.97 -11.75
CA ALA B 407 17.64 25.79 -12.59
C ALA B 407 18.28 26.01 -13.98
N ASP B 408 19.59 26.22 -14.03
CA ASP B 408 20.29 26.37 -15.31
C ASP B 408 20.22 25.09 -16.13
N TRP B 409 20.31 23.95 -15.46
CA TRP B 409 20.17 22.68 -16.12
C TRP B 409 18.77 22.56 -16.74
N LEU B 410 17.76 22.89 -15.97
CA LEU B 410 16.39 22.82 -16.48
C LEU B 410 16.23 23.73 -17.69
N ALA B 411 16.82 24.91 -17.63
CA ALA B 411 16.71 25.86 -18.74
C ALA B 411 17.43 25.39 -19.99
N ALA B 412 18.53 24.67 -19.82
CA ALA B 412 19.24 24.08 -20.95
C ALA B 412 18.40 22.98 -21.62
N ARG B 413 17.70 22.19 -20.80
CA ARG B 413 16.87 21.14 -21.33
C ARG B 413 15.57 21.64 -21.92
N GLN B 414 15.10 22.76 -21.40
CA GLN B 414 13.85 23.39 -21.84
C GLN B 414 14.01 24.89 -21.85
N PRO B 415 14.50 25.42 -22.97
CA PRO B 415 14.68 26.86 -23.10
C PRO B 415 13.37 27.64 -22.99
N LYS B 416 12.24 26.98 -23.21
CA LYS B 416 10.94 27.62 -23.12
C LYS B 416 10.21 27.26 -21.82
N LEU B 417 11.00 27.13 -20.74
CA LEU B 417 10.49 27.02 -19.37
C LEU B 417 9.52 28.11 -19.04
N VAL B 418 8.47 27.79 -18.28
CA VAL B 418 7.52 28.80 -17.81
C VAL B 418 7.70 28.95 -16.32
N THR B 419 8.35 30.03 -15.92
CA THR B 419 8.56 30.32 -14.53
C THR B 419 7.27 30.87 -13.92
N SER B 420 7.24 31.04 -12.61
CA SER B 420 6.10 31.67 -11.98
C SER B 420 5.83 33.03 -12.58
N ALA B 421 6.87 33.80 -12.87
CA ALA B 421 6.64 35.12 -13.43
C ALA B 421 5.92 35.05 -14.78
N HIS B 422 6.30 34.10 -15.61
CA HIS B 422 5.63 33.93 -16.91
C HIS B 422 4.21 33.41 -16.73
N TRP B 423 4.03 32.45 -15.83
CA TRP B 423 2.69 31.95 -15.57
C TRP B 423 1.81 33.10 -15.06
N GLN B 424 2.35 34.00 -14.24
CA GLN B 424 1.53 35.08 -13.74
C GLN B 424 0.99 35.97 -14.85
N VAL B 425 1.76 36.14 -15.92
CA VAL B 425 1.26 36.89 -17.06
C VAL B 425 0.20 36.11 -17.83
N ILE B 426 0.43 34.81 -18.03
CA ILE B 426 -0.60 33.99 -18.66
C ILE B 426 -1.90 34.09 -17.89
N ASP B 427 -1.79 33.90 -16.59
CA ASP B 427 -2.96 33.89 -15.73
C ASP B 427 -3.73 35.22 -15.82
N ALA B 428 -3.01 36.30 -15.62
CA ALA B 428 -3.62 37.62 -15.66
C ALA B 428 -4.22 37.92 -17.03
N PHE B 429 -3.53 37.52 -18.10
CA PHE B 429 -4.07 37.68 -19.43
C PHE B 429 -5.37 36.93 -19.62
N GLU B 430 -5.38 35.65 -19.25
CA GLU B 430 -6.57 34.88 -19.44
C GLU B 430 -7.74 35.44 -18.69
N ARG B 431 -7.51 35.86 -17.46
CA ARG B 431 -8.58 36.42 -16.64
C ARG B 431 -9.07 37.73 -17.26
N ALA B 432 -8.17 38.61 -17.68
CA ALA B 432 -8.55 39.86 -18.30
C ALA B 432 -9.33 39.63 -19.58
N ALA B 433 -8.97 38.59 -20.32
CA ALA B 433 -9.65 38.26 -21.57
C ALA B 433 -11.10 37.93 -21.34
N GLY B 434 -11.41 37.40 -20.15
CA GLY B 434 -12.78 37.02 -19.87
C GLY B 434 -13.65 38.12 -19.37
N GLU B 435 -13.04 39.07 -18.68
CA GLU B 435 -13.83 40.06 -17.98
C GLU B 435 -14.84 40.76 -18.88
N PRO B 436 -14.47 41.21 -20.08
CA PRO B 436 -15.45 41.90 -20.91
C PRO B 436 -16.68 41.12 -21.42
N HIS B 437 -16.58 39.81 -21.39
CA HIS B 437 -17.72 38.97 -21.73
C HIS B 437 -18.32 38.31 -20.54
N GLY B 438 -17.97 38.79 -19.36
CA GLY B 438 -18.51 38.26 -18.13
C GLY B 438 -18.11 36.82 -17.85
N ARG B 439 -16.84 36.50 -18.08
CA ARG B 439 -16.28 35.18 -17.85
C ARG B 439 -15.09 35.29 -16.93
N PRO B 440 -14.83 34.27 -16.12
CA PRO B 440 -13.72 34.35 -15.19
C PRO B 440 -12.37 34.33 -15.89
N ARG B 441 -12.31 33.67 -17.03
CA ARG B 441 -11.13 33.65 -17.85
C ARG B 441 -11.52 33.10 -19.20
N VAL B 442 -10.70 33.40 -20.19
CA VAL B 442 -10.73 32.72 -21.48
C VAL B 442 -9.38 32.06 -21.63
N LYS B 443 -9.38 30.73 -21.64
CA LYS B 443 -8.13 29.98 -21.66
C LYS B 443 -7.46 29.95 -23.01
N LEU B 444 -6.15 30.03 -22.97
CA LEU B 444 -5.28 29.80 -24.13
C LEU B 444 -5.18 28.27 -24.25
N ALA B 445 -5.64 27.74 -25.39
CA ALA B 445 -5.97 26.32 -25.53
C ALA B 445 -4.91 25.45 -26.16
N SER B 446 -3.75 26.01 -26.48
CA SER B 446 -2.63 25.26 -27.02
C SER B 446 -1.35 25.72 -26.37
N LEU B 447 -0.34 24.89 -26.45
CA LEU B 447 0.98 25.25 -25.97
C LEU B 447 1.49 26.50 -26.68
N ALA B 448 1.33 26.56 -27.99
CA ALA B 448 1.83 27.71 -28.73
C ALA B 448 1.21 29.00 -28.24
N GLU B 449 -0.09 28.99 -27.99
CA GLU B 449 -0.77 30.20 -27.52
C GLU B 449 -0.35 30.57 -26.09
N LEU B 450 -0.24 29.56 -25.24
CA LEU B 450 0.24 29.79 -23.87
C LEU B 450 1.62 30.42 -23.87
N LEU B 451 2.51 29.89 -24.69
CA LEU B 451 3.87 30.44 -24.74
C LEU B 451 3.93 31.80 -25.43
N ARG B 452 3.06 32.04 -26.41
CA ARG B 452 3.04 33.32 -27.11
C ARG B 452 2.80 34.44 -26.09
N ILE B 453 1.85 34.23 -25.19
CA ILE B 453 1.56 35.21 -24.17
C ILE B 453 2.58 35.15 -23.04
N GLY B 454 2.87 33.96 -22.54
CA GLY B 454 3.72 33.84 -21.36
C GLY B 454 5.16 34.23 -21.55
N LEU B 455 5.71 33.95 -22.72
CA LEU B 455 7.09 34.24 -23.01
C LEU B 455 7.22 35.50 -23.86
N GLY B 456 6.10 36.21 -24.10
CA GLY B 456 6.10 37.41 -24.92
C GLY B 456 6.40 38.74 -24.22
C ACT C . 20.06 -0.87 10.69
O ACT C . 19.21 0.10 10.86
OXT ACT C . 21.04 -0.77 9.86
CH3 ACT C . 19.88 -2.12 11.42
H1 ACT C . 19.40 -2.86 10.77
H2 ACT C . 19.24 -1.94 12.30
H3 ACT C . 20.84 -2.48 11.76
C ACT D . 6.90 -16.98 30.82
O ACT D . 7.97 -16.30 30.72
OXT ACT D . 6.97 -18.24 30.89
CH3 ACT D . 5.55 -16.33 30.84
H1 ACT D . 5.39 -15.80 29.90
H2 ACT D . 5.49 -15.63 31.68
H3 ACT D . 4.78 -17.10 30.95
C ACT E . 2.09 -18.46 27.43
O ACT E . 2.35 -19.60 27.85
OXT ACT E . 1.98 -17.39 28.11
CH3 ACT E . 1.79 -18.32 26.04
H1 ACT E . 1.66 -19.31 25.63
H2 ACT E . 2.63 -17.82 25.58
H3 ACT E . 0.85 -17.76 25.96
C ACT F . -2.21 -29.63 8.42
O ACT F . -2.58 -30.67 7.82
OXT ACT F . -2.61 -29.51 9.58
CH3 ACT F . -1.34 -28.59 7.78
H1 ACT F . -1.84 -28.20 6.89
H2 ACT F . -0.39 -29.04 7.48
H3 ACT F . -1.16 -27.79 8.48
C ACT G . 22.63 6.80 15.17
O ACT G . 23.77 7.25 14.84
OXT ACT G . 21.93 6.02 14.40
CH3 ACT G . 22.09 7.20 16.47
H1 ACT G . 21.93 8.28 16.49
H2 ACT G . 22.82 6.93 17.25
H3 ACT G . 21.16 6.68 16.66
PA FAD H . 5.30 -16.65 9.21
O1A FAD H . 6.75 -16.35 9.22
O2A FAD H . 4.64 -17.04 10.47
O5B FAD H . 5.00 -17.80 8.16
C5B FAD H . 5.68 -17.79 6.91
C4B FAD H . 5.69 -19.23 6.39
O4B FAD H . 6.08 -19.21 5.01
C3B FAD H . 6.67 -20.17 7.11
O3B FAD H . 6.07 -21.39 7.50
C2B FAD H . 7.78 -20.36 6.09
O2B FAD H . 8.55 -21.53 6.20
C1B FAD H . 7.00 -20.26 4.77
N9A FAD H . 7.80 -19.91 3.60
C8A FAD H . 8.68 -18.86 3.50
N7A FAD H . 9.21 -18.83 2.28
C5A FAD H . 8.68 -19.90 1.58
C6A FAD H . 8.89 -20.35 0.29
N6A FAD H . 9.69 -19.72 -0.60
N1A FAD H . 8.18 -21.44 -0.11
C2A FAD H . 7.32 -22.03 0.75
N3A FAD H . 7.10 -21.64 2.03
C4A FAD H . 7.78 -20.55 2.41
N1 FAD H . 3.04 -12.99 17.99
C2 FAD H . 2.22 -13.12 19.06
O2 FAD H . 1.02 -12.84 18.98
N3 FAD H . 2.75 -13.60 20.24
C4 FAD H . 4.06 -13.98 20.38
O4 FAD H . 4.47 -14.44 21.48
C4X FAD H . 4.87 -13.88 19.25
N5 FAD H . 6.18 -14.32 19.29
C5X FAD H . 7.00 -14.07 18.19
C6 FAD H . 8.34 -14.35 18.27
C7 FAD H . 9.23 -14.08 17.25
C7M FAD H . 10.69 -14.46 17.38
C8 FAD H . 8.72 -13.48 16.10
C8M FAD H . 9.62 -13.14 14.97
C9 FAD H . 7.36 -13.18 16.01
C9A FAD H . 6.49 -13.45 17.05
N10 FAD H . 5.13 -13.14 16.98
C10 FAD H . 4.34 -13.36 18.07
C1' FAD H . 4.53 -12.55 15.75
C2' FAD H . 4.05 -13.64 14.81
O2' FAD H . 5.05 -14.61 14.73
C3' FAD H . 3.73 -13.04 13.41
O3' FAD H . 2.70 -12.07 13.50
C4' FAD H . 3.25 -14.05 12.38
O4' FAD H . 3.84 -15.33 12.54
C5' FAD H . 3.50 -13.53 10.97
O5' FAD H . 2.82 -14.44 10.12
P FAD H . 3.17 -14.67 8.59
O1P FAD H . 2.16 -15.64 8.12
O2P FAD H . 3.34 -13.40 7.82
O3P FAD H . 4.63 -15.33 8.57
HOA2 FAD H . 3.88 -16.52 10.82
H51A FAD H . 6.71 -17.43 7.03
H52A FAD H . 5.16 -17.13 6.21
H4B FAD H . 4.68 -19.63 6.48
H3B FAD H . 7.07 -19.65 7.97
HO3A FAD H . 6.48 -22.07 6.99
H2B FAD H . 8.44 -19.49 6.16
HO2A FAD H . 8.40 -22.03 5.38
H1B FAD H . 6.46 -21.19 4.60
H8A FAD H . 9.01 -18.24 4.33
H61A FAD H . 10.22 -18.92 -0.33
H62A FAD H . 9.80 -20.16 -1.57
H2A FAD H . 6.76 -22.89 0.39
HN3 FAD H . 2.13 -13.66 21.07
H6 FAD H . 8.74 -14.75 19.20
HM71 FAD H . 11.24 -14.18 16.49
HM72 FAD H . 11.11 -13.95 18.24
HM73 FAD H . 10.76 -15.54 17.53
HM81 FAD H . 9.04 -12.66 14.18
HM82 FAD H . 10.40 -12.46 15.31
HM83 FAD H . 10.07 -14.05 14.58
H9 FAD H . 6.96 -12.91 15.03
H1'1 FAD H . 3.68 -11.92 16.02
H1'2 FAD H . 5.25 -11.91 15.24
H2' FAD H . 3.14 -14.09 15.20
HO2' FAD H . 5.37 -14.66 13.79
H3' FAD H . 4.63 -12.57 13.03
HO3' FAD H . 1.99 -12.34 12.91
H4' FAD H . 2.17 -14.14 12.50
HO4' FAD H . 4.26 -15.58 11.69
H5'1 FAD H . 3.11 -12.52 10.85
H5'2 FAD H . 4.56 -13.52 10.75
HOP2 FAD H . 2.76 -13.23 7.02
PA NDP I . 10.18 -4.54 16.48
O1A NDP I . 9.15 -4.65 17.51
O2A NDP I . 9.89 -3.74 15.27
O5B NDP I . 11.49 -3.99 17.19
C5B NDP I . 12.63 -3.74 16.43
C4B NDP I . 13.63 -2.98 17.28
O4B NDP I . 14.87 -2.82 16.56
C3B NDP I . 13.17 -1.57 17.63
O3B NDP I . 13.47 -1.33 19.00
C2B NDP I . 14.04 -0.69 16.73
O2B NDP I . 14.29 0.59 17.24
C1B NDP I . 15.29 -1.50 16.74
N9A NDP I . 16.28 -1.17 15.73
C8A NDP I . 16.10 -1.18 14.35
N7A NDP I . 17.23 -0.87 13.75
C5A NDP I . 18.17 -0.66 14.72
C6A NDP I . 19.52 -0.33 14.69
N6A NDP I . 20.24 -0.23 13.56
N1A NDP I . 20.18 -0.20 15.89
C2A NDP I . 19.50 -0.39 17.07
N3A NDP I . 18.18 -0.70 17.15
C4A NDP I . 17.57 -0.85 15.97
O3 NDP I . 10.65 -5.98 15.94
PN NDP I . 10.87 -7.42 16.64
O1N NDP I . 11.35 -7.28 18.03
O2N NDP I . 11.66 -8.15 15.64
O5D NDP I . 9.39 -7.98 16.76
C5D NDP I . 8.66 -8.26 15.56
C4D NDP I . 7.15 -8.20 15.83
O4D NDP I . 6.73 -9.41 16.50
C3D NDP I . 6.78 -7.04 16.72
O3D NDP I . 5.54 -6.51 16.31
C2D NDP I . 6.65 -7.70 18.07
O2D NDP I . 5.92 -7.04 19.06
C1D NDP I . 6.15 -9.08 17.75
N1N NDP I . 6.18 -10.12 18.70
C2N NDP I . 5.24 -10.18 19.68
C3N NDP I . 5.56 -10.81 20.88
C7N NDP I . 4.50 -10.78 21.87
O7N NDP I . 3.38 -10.14 21.66
N7N NDP I . 4.74 -11.42 23.01
C4N NDP I . 6.83 -11.49 21.10
C5N NDP I . 7.84 -11.33 20.00
C6N NDP I . 7.49 -10.62 18.88
P2B NDP I . 13.60 1.91 16.63
O1X NDP I . 14.49 3.02 17.12
O2X NDP I . 12.20 1.96 17.17
O3X NDP I . 13.60 1.76 15.11
HOA2 NDP I . 10.50 -3.02 15.02
H51A NDP I . 13.08 -4.68 16.10
H52A NDP I . 12.37 -3.15 15.56
H4B NDP I . 13.79 -3.54 18.20
H3B NDP I . 12.12 -1.44 17.40
HO3A NDP I . 14.21 -0.67 19.07
H2B NDP I . 13.62 -0.67 15.72
H1B NDP I . 15.74 -1.40 17.72
H8A NDP I . 15.16 -1.40 13.84
H61A NDP I . 19.82 -0.42 12.68
H62A NDP I . 21.22 0.01 13.65
H2A NDP I . 20.06 -0.31 17.99
H51N NDP I . 8.93 -9.25 15.19
H52N NDP I . 8.92 -7.53 14.79
H4D NDP I . 6.64 -8.11 14.88
H3D NDP I . 7.58 -6.29 16.73
HO3N NDP I . 4.88 -6.72 17.01
H2D NDP I . 7.66 -7.80 18.46
HO2N NDP I . 5.16 -7.61 19.32
H1D NDP I . 5.06 -8.98 17.55
H2N NDP I . 4.35 -9.56 19.62
H71N NDP I . 5.60 -11.87 23.19
H72N NDP I . 3.99 -11.37 23.69
H41N NDP I . 7.42 -11.39 22.03
H42N NDP I . 6.41 -12.35 21.69
H5N NDP I . 8.81 -11.83 20.06
H6N NDP I . 8.15 -10.70 18.01
HOP2 NDP I . 11.99 2.69 17.79
HOP3 NDP I . 14.16 2.40 14.61
C ACT J . -33.78 12.58 -29.09
O ACT J . -34.32 12.86 -28.06
OXT ACT J . -33.30 11.42 -29.10
CH3 ACT J . -33.89 13.51 -30.23
H1 ACT J . -33.17 14.31 -30.11
H2 ACT J . -34.89 13.92 -30.24
H3 ACT J . -33.69 12.97 -31.15
C ACT K . 7.01 38.26 -18.05
O ACT K . 6.68 37.35 -18.84
OXT ACT K . 6.76 39.45 -18.38
CH3 ACT K . 7.72 37.95 -16.76
H1 ACT K . 8.53 37.27 -16.97
H2 ACT K . 7.02 37.48 -16.08
H3 ACT K . 8.09 38.87 -16.33
C ACT L . 21.08 22.68 8.32
O ACT L . 22.09 22.76 7.59
OXT ACT L . 19.96 23.03 7.84
CH3 ACT L . 21.20 22.19 9.72
H1 ACT L . 21.85 22.85 10.29
H2 ACT L . 21.60 21.17 9.71
H3 ACT L . 20.21 22.19 10.17
C ACT M . 2.71 29.54 -9.27
O ACT M . 3.65 30.38 -9.40
OXT ACT M . 2.79 28.31 -9.64
CH3 ACT M . 1.51 30.08 -8.65
H1 ACT M . 1.22 31.00 -9.17
H2 ACT M . 1.71 30.30 -7.59
H3 ACT M . 0.71 29.36 -8.74
C ACT N . -13.67 -1.85 -17.85
O ACT N . -13.12 -2.53 -18.78
OXT ACT N . -13.89 -2.39 -16.71
CH3 ACT N . -14.01 -0.42 -18.07
H1 ACT N . -14.51 -0.32 -19.03
H2 ACT N . -13.09 0.18 -18.07
H3 ACT N . -14.67 -0.07 -17.28
C ACT O . -15.76 7.85 -6.31
O ACT O . -15.37 6.64 -6.42
OXT ACT O . -15.48 8.60 -5.33
CH3 ACT O . -16.61 8.42 -7.35
H1 ACT O . -17.44 7.75 -7.56
H2 ACT O . -16.00 8.54 -8.25
H3 ACT O . -16.97 9.38 -7.03
PA FAD P . -3.77 16.05 -11.02
O1A FAD P . -4.17 15.28 -12.21
O2A FAD P . -4.68 17.09 -10.47
O5B FAD P . -2.36 16.73 -11.28
C5B FAD P . -1.34 16.03 -11.95
C4B FAD P . -0.38 17.06 -12.55
O4B FAD P . 0.81 16.38 -12.98
C3B FAD P . -0.94 17.80 -13.78
O3B FAD P . -0.76 19.20 -13.69
C2B FAD P . -0.15 17.18 -14.92
O2B FAD P . -0.04 18.01 -16.06
C1B FAD P . 1.18 16.87 -14.26
N9A FAD P . 2.00 15.87 -14.95
C8A FAD P . 1.57 14.64 -15.38
N7A FAD P . 2.59 13.97 -15.94
C5A FAD P . 3.68 14.78 -15.88
C6A FAD P . 4.98 14.64 -16.33
N6A FAD P . 5.45 13.52 -16.91
N1A FAD P . 5.85 15.67 -16.09
C2A FAD P . 5.42 16.81 -15.46
N3A FAD P . 4.15 17.01 -15.01
C4A FAD P . 3.32 15.98 -15.25
N1 FAD P . -12.57 17.18 -7.01
C2 FAD P . -13.33 18.04 -6.27
O2 FAD P . -13.10 18.21 -5.08
N3 FAD P . -14.34 18.72 -6.91
C4 FAD P . -14.63 18.60 -8.24
O4 FAD P . -15.56 19.26 -8.76
C4X FAD P . -13.81 17.75 -8.99
N5 FAD P . -13.99 17.65 -10.35
C5X FAD P . -13.27 16.73 -11.06
C6 FAD P . -13.50 16.52 -12.43
C7 FAD P . -12.82 15.59 -13.16
C7M FAD P . -13.09 15.45 -14.62
C8 FAD P . -11.87 14.81 -12.49
C8M FAD P . -11.11 13.77 -13.25
C9 FAD P . -11.62 15.01 -11.15
C9A FAD P . -12.31 15.96 -10.41
N10 FAD P . -12.07 16.14 -9.05
C10 FAD P . -12.82 17.03 -8.34
C1' FAD P . -11.02 15.37 -8.34
C2' FAD P . -9.65 16.06 -8.38
O2' FAD P . -9.46 16.49 -9.71
C3' FAD P . -8.53 15.12 -7.92
O3' FAD P . -8.73 14.65 -6.60
C4' FAD P . -7.15 15.76 -7.92
O4' FAD P . -6.98 16.72 -8.94
C5' FAD P . -6.08 14.70 -8.07
O5' FAD P . -4.85 15.34 -7.82
P FAD P . -3.42 14.84 -8.33
O1P FAD P . -2.46 15.83 -7.80
O2P FAD P . -3.19 13.39 -8.04
O3P FAD P . -3.48 14.93 -9.93
HOA2 FAD P . -4.98 16.95 -9.54
H51A FAD P . -1.76 15.41 -12.73
H52A FAD P . -0.81 15.38 -11.24
H4B FAD P . -0.12 17.78 -11.78
H3B FAD P . -2.00 17.56 -13.89
HO3A FAD P . -0.16 19.47 -14.36
H2B FAD P . -0.63 16.24 -15.21
HO2A FAD P . 0.89 18.18 -16.22
H1B FAD P . 1.74 17.80 -14.16
H8A FAD P . 0.54 14.30 -15.38
H61A FAD P . 4.82 12.69 -17.08
H62A FAD P . 6.40 13.44 -17.24
H2A FAD P . 6.16 17.60 -15.31
HN3 FAD P . -14.95 19.34 -6.33
H6 FAD P . -14.19 17.19 -12.94
HM71 FAD P . -12.50 14.63 -15.04
HM72 FAD P . -14.15 15.24 -14.77
HM73 FAD P . -12.83 16.37 -15.12
HM81 FAD P . -10.41 13.26 -12.58
HM82 FAD P . -11.79 13.04 -13.67
HM83 FAD P . -10.54 14.24 -14.05
H9 FAD P . -10.78 14.49 -10.70
H1'1 FAD P . -11.32 15.23 -7.31
H1'2 FAD P . -10.94 14.38 -8.79
H2' FAD P . -9.67 16.93 -7.72
HO2' FAD P . -8.65 16.04 -10.03
H3' FAD P . -8.51 14.27 -8.60
HO3' FAD P . -7.94 14.81 -6.05
H4' FAD P . -7.01 16.23 -6.95
HO4' FAD P . -6.22 16.41 -9.49
H5'1 FAD P . -6.23 13.89 -7.34
H5'2 FAD P . -6.09 14.27 -9.07
HOP2 FAD P . -2.41 13.07 -7.47
PA NDP Q . -15.70 7.00 -10.17
O1A NDP Q . -16.40 7.86 -9.23
O2A NDP Q . -14.80 5.93 -9.61
O5B NDP Q . -16.79 6.31 -11.10
C5B NDP Q . -16.39 5.40 -12.11
C4B NDP Q . -17.67 4.75 -12.62
O4B NDP Q . -17.32 3.90 -13.70
C3B NDP Q . -18.41 3.88 -11.60
O3B NDP Q . -19.81 4.12 -11.70
C2B NDP Q . -18.07 2.46 -12.03
O2B NDP Q . -19.03 1.47 -11.74
C1B NDP Q . -18.04 2.68 -13.53
N9A NDP Q . -17.38 1.65 -14.32
C8A NDP Q . -16.10 1.18 -14.22
N7A NDP Q . -15.90 0.27 -15.17
C5A NDP Q . -17.06 0.13 -15.89
C6A NDP Q . -17.43 -0.64 -16.97
N6A NDP Q . -16.58 -1.40 -17.66
N1A NDP Q . -18.71 -0.51 -17.46
C2A NDP Q . -19.56 0.36 -16.86
N3A NDP Q . -19.26 1.14 -15.79
C4A NDP Q . -18.00 1.02 -15.33
O3 NDP Q . -14.78 7.81 -11.20
PN NDP Q . -14.97 9.21 -11.97
O1N NDP Q . -16.39 9.45 -12.29
O2N NDP Q . -13.93 9.14 -13.05
O5D NDP Q . -14.58 10.30 -10.85
C5D NDP Q . -13.27 10.33 -10.36
C4D NDP Q . -13.25 10.95 -8.95
O4D NDP Q . -13.35 12.37 -9.03
C3D NDP Q . -14.41 10.45 -8.10
O3D NDP Q . -13.97 10.30 -6.76
C2D NDP Q . -15.38 11.60 -8.21
O2D NDP Q . -16.36 11.70 -7.23
C1D NDP Q . -14.50 12.81 -8.39
N1N NDP Q . -15.05 14.06 -8.78
C2N NDP Q . -15.73 14.84 -7.88
C3N NDP Q . -16.64 15.74 -8.35
C7N NDP Q . -17.31 16.58 -7.43
O7N NDP Q . -17.15 16.33 -6.13
N7N NDP Q . -18.20 17.45 -7.83
C4N NDP Q . -16.94 15.93 -9.85
C5N NDP Q . -16.15 14.99 -10.69
C6N NDP Q . -15.25 14.09 -10.17
P2B NDP Q . -18.83 0.42 -10.57
O1X NDP Q . -19.82 -0.62 -10.91
O2X NDP Q . -19.11 1.13 -9.26
O3X NDP Q . -17.39 -0.08 -10.63
HOA2 NDP Q . -14.95 4.95 -9.82
H51A NDP Q . -15.87 5.91 -12.92
H52A NDP Q . -15.72 4.64 -11.70
H4B NDP Q . -18.34 5.54 -12.98
H3B NDP Q . -18.04 4.08 -10.60
HO3A NDP Q . -20.25 3.30 -12.01
H2B NDP Q . -17.08 2.18 -11.67
H1B NDP Q . -19.06 2.81 -13.87
H8A NDP Q . -15.38 1.47 -13.47
H61A NDP Q . -15.59 -1.49 -17.45
H62A NDP Q . -16.92 -2.01 -18.47
H2A NDP Q . -20.58 0.42 -17.25
H51N NDP Q . -12.64 10.91 -11.03
H52N NDP Q . -12.87 9.31 -10.32
H4D NDP Q . -12.32 10.68 -8.46
H3D NDP Q . -14.82 9.54 -8.52
HO3N NDP Q . -14.35 10.97 -6.20
H2D NDP Q . -15.90 11.45 -9.15
HO2N NDP Q . -16.25 12.50 -6.74
H1D NDP Q . -14.15 13.01 -7.33
H2N NDP Q . -15.82 14.51 -6.84
H71N NDP Q . -18.41 17.56 -8.81
H72N NDP Q . -18.66 17.95 -7.10
H41N NDP Q . -17.42 16.82 -10.33
H42N NDP Q . -18.03 15.66 -9.88
H5N NDP Q . -16.35 14.97 -11.77
H6N NDP Q . -14.48 13.70 -10.84
HOP2 NDP Q . -19.88 0.82 -8.74
HOP3 NDP Q . -17.23 -1.05 -10.91
#